data_8Z87
#
_entry.id   8Z87
#
loop_
_entity.id
_entity.type
_entity.pdbx_description
1 polymer 'Hydroxycarboxylic acid receptor 1'
2 polymer 'Guanine nucleotide-binding protein G(i) subunit alpha-1'
3 polymer 'Guanine nucleotide-binding protein G(I)/G(S)/G(T) subunit beta-1'
4 polymer 'Guanine nucleotide-binding protein G(I)/G(S)/G(O) subunit gamma-2'
5 non-polymer '3-chloranyl-5-oxidanyl-benzoic acid'
#
loop_
_entity_poly.entity_id
_entity_poly.type
_entity_poly.pdbx_seq_one_letter_code
_entity_poly.pdbx_strand_id
1 'polypeptide(L)'
;MYNGSCCRIEGDTISQVMPPLLIVAFVLGALGNGVALCGFCFHMKTWKPSTVYLFNLAVADFLLMICLPFRTDYYLRRRH
WAFGDIPCRVGLFTLAMNRAGSIVFLTVVAADRYFKVVHPHHAVNTISTRVAAGIVCTLWALVILGTVYLLLENHLCVQE
TAVSCESFIMESANGWHDIMFQLEFFMPLGIILFCSFKIVWSLRRRQQLARQARMKKATRFIMVVAIVFITCYLPSVSAR
LYFLWTVPSSACDPSVHGALHITLSFTYMNSMLDPLVYYFSSPSFPKFYNKLKICSLKPKQPGHSKTQRPEEMPISNLGR
RSCISVANSFQSQSDGQWDPHIVEWH
;
R
2 'polypeptide(L)'
;MGCTLSAEDKAAVERSKMIDRNLREDGEKAAREVKLLLLGAGESGKNTIVKQMKIIHEAGYSEEECKQYKAVVYSNTIQS
IIAIIRAMGRLKIDFGDSARADDARQLFVLAGAAEEGFMTAELAGVIKRLWKDSGVQACFNRSREYQLNDSAAYYLNDLD
RIAQPNYIPTQQDVLRTRVKTTGIVETHFTFKDLHFKMFDVGAQRSERKKWIHCFEGVTAIIFCVALSDYDLVLAEDEEM
NRMHASMKLFDSICNNKWFTDTSIILFLNKKDLFEEKIKKSPLTICYPEYAGSNTYEEAAAYIQCQFEDLNKRKDTKEIY
THFTCSTDTKNVQFVFDAVTDVIIKNNLKDCGLF
;
A
3 'polypeptide(L)'
;MGSLLQSELDQLRQEAEQLKNQIRDARKACADATLSQITNNIDPVGRIQMRTRRTLRGHLAKIYAMHWGTDSRLLVSASQ
DGKLIIWDSYTTNKVHAIPLRSSWVMTCAYAPSGNYVACGGLDNICSIYNLKTREGNVRVSRELAGHTGYLSCCRFLDDN
QIVTSSGDTTCALWDIETGQQTTTFTGHTGDVMSLSLAPDTRLFVSGACDASAKLWDVREGMCRQTFTGHESDINAICFF
PNGNAFATGSDDATCRLFDLRADQELMTYSHDNIICGITSVSFSKSGRLLLAGYDDFNCNVWDALKADRAGVLAGHDNRV
SCLGVTDDGMAVATGSWDSFLKIWN
;
B
4 'polypeptide(L)' ASNNTASIAQARKLVEQLKMEANIDRIKVSKAAADLMAYCEAHAKEDPLLTPVPASENPFREKKFFCAIL G
#
loop_
_chem_comp.id
_chem_comp.type
_chem_comp.name
_chem_comp.formula
A1D71 non-polymer '3-chloranyl-5-oxidanyl-benzoic acid' 'C7 H5 Cl O3'
#
# COMPACT_ATOMS: atom_id res chain seq x y z
N CYS A 6 35.78 7.63 52.14
CA CYS A 6 35.36 9.06 52.17
C CYS A 6 36.62 9.95 52.03
N CYS A 7 36.69 10.77 50.98
CA CYS A 7 37.92 11.56 50.71
C CYS A 7 37.62 13.04 50.46
N ARG A 8 38.63 13.83 50.10
CA ARG A 8 38.42 15.27 49.79
C ARG A 8 39.18 15.63 48.50
N ILE A 9 38.59 15.32 47.34
CA ILE A 9 39.22 15.68 46.03
C ILE A 9 38.84 17.13 45.70
N GLU A 10 39.77 17.89 45.10
CA GLU A 10 39.49 19.30 44.73
C GLU A 10 39.88 19.53 43.26
N GLY A 11 39.32 18.72 42.36
CA GLY A 11 39.64 18.85 40.92
C GLY A 11 38.92 20.03 40.30
N ASP A 12 39.37 21.26 40.59
CA ASP A 12 38.76 22.47 39.99
C ASP A 12 38.57 22.23 38.49
N THR A 13 39.57 21.64 37.83
CA THR A 13 39.46 21.32 36.38
C THR A 13 38.07 20.75 36.11
N ILE A 14 37.69 19.70 36.85
CA ILE A 14 36.36 19.05 36.64
C ILE A 14 35.25 20.12 36.67
N SER A 15 35.36 21.10 37.56
CA SER A 15 34.28 22.12 37.71
C SER A 15 34.23 23.07 36.52
N GLN A 16 35.18 22.94 35.58
CA GLN A 16 35.23 23.84 34.40
C GLN A 16 34.86 23.05 33.14
N VAL A 17 35.04 21.72 33.15
CA VAL A 17 34.78 20.91 31.93
C VAL A 17 33.44 20.18 32.08
N MET A 18 33.10 19.71 33.29
CA MET A 18 31.86 18.91 33.46
C MET A 18 30.62 19.79 33.25
N PRO A 19 30.42 20.90 34.01
CA PRO A 19 29.21 21.70 33.87
C PRO A 19 28.84 21.95 32.39
N PRO A 20 29.76 22.47 31.54
CA PRO A 20 29.43 22.78 30.14
C PRO A 20 29.10 21.51 29.35
N LEU A 21 30.01 20.54 29.33
CA LEU A 21 29.76 19.26 28.62
C LEU A 21 28.34 18.78 28.93
N LEU A 22 27.95 18.74 30.21
CA LEU A 22 26.64 18.21 30.55
C LEU A 22 25.52 19.07 29.99
N ILE A 23 25.71 20.40 30.03
CA ILE A 23 24.66 21.33 29.49
C ILE A 23 24.50 21.04 28.00
N VAL A 24 25.60 20.98 27.26
CA VAL A 24 25.54 20.74 25.82
C VAL A 24 24.89 19.40 25.53
N ALA A 25 25.33 18.36 26.25
CA ALA A 25 24.78 17.03 26.03
C ALA A 25 23.29 17.00 26.29
N PHE A 26 22.84 17.59 27.40
CA PHE A 26 21.42 17.60 27.71
C PHE A 26 20.63 18.38 26.67
N VAL A 27 21.09 19.58 26.35
CA VAL A 27 20.33 20.46 25.40
C VAL A 27 20.19 19.75 24.05
N LEU A 28 21.27 19.17 23.52
CA LEU A 28 21.18 18.54 22.21
C LEU A 28 20.45 17.20 22.28
N GLY A 29 20.73 16.38 23.29
CA GLY A 29 20.15 15.06 23.36
C GLY A 29 18.66 15.07 23.65
N ALA A 30 18.22 15.96 24.54
CA ALA A 30 16.79 16.06 24.80
C ALA A 30 16.04 16.45 23.55
N LEU A 31 16.56 17.43 22.80
CA LEU A 31 15.93 17.82 21.54
C LEU A 31 15.88 16.65 20.57
N GLY A 32 17.03 16.03 20.31
CA GLY A 32 17.06 14.95 19.34
C GLY A 32 16.16 13.79 19.72
N ASN A 33 16.26 13.36 20.98
CA ASN A 33 15.48 12.18 21.44
C ASN A 33 13.99 12.52 21.47
N GLY A 34 13.61 13.73 21.89
CA GLY A 34 12.21 14.10 21.87
C GLY A 34 11.65 14.15 20.46
N VAL A 35 12.43 14.67 19.52
CA VAL A 35 11.98 14.69 18.13
C VAL A 35 11.84 13.26 17.60
N ALA A 36 12.80 12.39 17.96
CA ALA A 36 12.70 10.99 17.53
C ALA A 36 11.48 10.32 18.13
N LEU A 37 11.19 10.58 19.40
CA LEU A 37 10.03 9.99 20.04
C LEU A 37 8.73 10.50 19.42
N CYS A 38 8.70 11.79 19.08
CA CYS A 38 7.54 12.35 18.39
C CYS A 38 7.33 11.67 17.05
N GLY A 39 8.41 11.54 16.27
CA GLY A 39 8.29 10.85 14.99
C GLY A 39 7.81 9.42 15.15
N PHE A 40 8.36 8.70 16.13
CA PHE A 40 7.94 7.32 16.37
C PHE A 40 6.48 7.23 16.79
N CYS A 41 6.02 8.14 17.64
CA CYS A 41 4.70 8.01 18.27
C CYS A 41 3.56 8.49 17.39
N PHE A 42 3.73 9.58 16.65
CA PHE A 42 2.61 10.13 15.90
C PHE A 42 2.72 9.85 14.40
N HIS A 43 3.84 10.27 13.79
CA HIS A 43 3.96 10.17 12.34
C HIS A 43 3.93 8.72 11.88
N MET A 44 4.77 7.87 12.45
CA MET A 44 4.79 6.46 12.09
C MET A 44 3.47 5.84 12.51
N LYS A 45 2.64 5.47 11.53
CA LYS A 45 1.30 4.98 11.84
C LYS A 45 1.32 3.51 12.20
N THR A 46 2.14 2.73 11.48
CA THR A 46 2.26 1.27 11.77
C THR A 46 3.66 1.02 12.33
N TRP A 47 3.74 0.26 13.42
CA TRP A 47 5.06 -0.07 14.03
C TRP A 47 5.41 -1.52 13.71
N LYS A 48 6.70 -1.82 13.56
CA LYS A 48 7.14 -3.23 13.35
C LYS A 48 8.11 -3.56 14.49
N PRO A 49 8.33 -4.83 14.85
CA PRO A 49 9.20 -5.16 15.97
C PRO A 49 10.46 -4.27 16.03
N SER A 50 11.01 -3.87 14.88
CA SER A 50 12.24 -3.05 14.83
C SER A 50 11.98 -1.62 15.32
N THR A 51 10.83 -1.04 14.97
CA THR A 51 10.47 0.33 15.43
C THR A 51 10.28 0.30 16.94
N VAL A 52 9.87 -0.85 17.48
CA VAL A 52 9.70 -1.02 18.96
C VAL A 52 11.07 -0.95 19.64
N TYR A 53 12.09 -1.58 19.05
CA TYR A 53 13.44 -1.55 19.61
C TYR A 53 14.04 -0.15 19.52
N LEU A 54 13.90 0.49 18.37
CA LEU A 54 14.44 1.85 18.21
C LEU A 54 13.73 2.82 19.13
N PHE A 55 12.42 2.65 19.34
CA PHE A 55 11.68 3.50 20.26
C PHE A 55 12.16 3.33 21.69
N ASN A 56 12.44 2.09 22.10
CA ASN A 56 12.95 1.88 23.45
C ASN A 56 14.35 2.44 23.62
N LEU A 57 15.19 2.33 22.59
CA LEU A 57 16.50 2.97 22.65
C LEU A 57 16.36 4.48 22.80
N ALA A 58 15.42 5.07 22.06
CA ALA A 58 15.19 6.53 22.15
C ALA A 58 14.74 6.89 23.58
N VAL A 59 13.87 6.07 24.16
CA VAL A 59 13.36 6.33 25.54
C VAL A 59 14.55 6.36 26.50
N ALA A 60 15.29 5.25 26.59
CA ALA A 60 16.44 5.17 27.53
C ALA A 60 17.34 6.39 27.34
N ASP A 61 17.72 6.69 26.10
CA ASP A 61 18.61 7.86 25.83
C ASP A 61 17.94 9.12 26.38
N PHE A 62 16.65 9.31 26.11
CA PHE A 62 15.94 10.54 26.56
C PHE A 62 15.96 10.63 28.09
N LEU A 63 15.50 9.58 28.76
CA LEU A 63 15.44 9.59 30.26
C LEU A 63 16.81 9.99 30.82
N LEU A 64 17.89 9.50 30.19
CA LEU A 64 19.26 9.79 30.70
C LEU A 64 19.56 11.28 30.56
N MET A 65 19.04 11.91 29.51
CA MET A 65 19.24 13.36 29.28
C MET A 65 18.43 14.14 30.33
N ILE A 66 17.32 13.55 30.79
CA ILE A 66 16.48 14.20 31.84
C ILE A 66 17.23 14.14 33.17
N CYS A 67 18.09 13.14 33.35
CA CYS A 67 18.84 12.97 34.64
C CYS A 67 20.10 13.86 34.63
N LEU A 68 20.43 14.47 33.49
CA LEU A 68 21.68 15.27 33.39
C LEU A 68 21.55 16.58 34.19
N PRO A 69 20.45 17.36 34.05
CA PRO A 69 20.32 18.64 34.75
C PRO A 69 20.79 18.61 36.22
N PHE A 70 20.41 17.58 36.98
CA PHE A 70 20.77 17.51 38.42
C PHE A 70 22.28 17.27 38.55
N ARG A 71 22.82 16.35 37.76
CA ARG A 71 24.28 16.07 37.80
C ARG A 71 25.04 17.37 37.49
N THR A 72 24.47 18.23 36.64
CA THR A 72 25.13 19.52 36.28
C THR A 72 25.15 20.42 37.52
N ASP A 73 24.01 20.55 38.22
CA ASP A 73 24.00 21.35 39.48
C ASP A 73 25.08 20.79 40.41
N TYR A 74 25.07 19.48 40.63
CA TYR A 74 26.10 18.84 41.48
C TYR A 74 27.49 19.33 41.05
N TYR A 75 27.71 19.45 39.74
CA TYR A 75 29.05 19.83 39.30
C TYR A 75 29.30 21.33 39.40
N LEU A 76 28.22 22.12 39.27
CA LEU A 76 28.34 23.61 39.35
C LEU A 76 28.67 24.00 40.79
N ARG A 77 28.10 23.29 41.77
CA ARG A 77 28.38 23.59 43.20
C ARG A 77 29.66 22.85 43.64
N ARG A 78 30.76 23.04 42.94
CA ARG A 78 32.05 22.39 43.31
C ARG A 78 31.80 20.99 43.86
N ARG A 79 30.99 20.20 43.17
CA ARG A 79 30.69 18.83 43.57
C ARG A 79 30.18 18.76 45.00
N HIS A 80 29.09 19.50 45.25
CA HIS A 80 28.41 19.48 46.53
C HIS A 80 26.95 19.11 46.30
N TRP A 81 26.53 17.98 46.86
CA TRP A 81 25.17 17.47 46.69
C TRP A 81 24.35 17.92 47.89
N ALA A 82 23.43 18.87 47.65
CA ALA A 82 22.60 19.40 48.75
C ALA A 82 21.12 19.18 48.42
N PHE A 83 20.79 18.07 47.75
CA PHE A 83 19.38 17.75 47.44
C PHE A 83 18.91 16.65 48.38
N GLY A 84 19.79 16.14 49.24
CA GLY A 84 19.39 15.11 50.22
C GLY A 84 20.12 13.79 50.03
N ASP A 85 19.61 12.72 50.64
CA ASP A 85 20.23 11.38 50.50
C ASP A 85 19.40 10.53 49.52
N ILE A 86 18.10 10.45 49.75
CA ILE A 86 17.23 9.63 48.86
C ILE A 86 17.35 10.16 47.43
N PRO A 87 17.22 11.50 47.17
CA PRO A 87 17.42 12.03 45.82
C PRO A 87 18.76 11.58 45.22
N CYS A 88 19.82 11.50 46.04
CA CYS A 88 21.15 11.04 45.54
C CYS A 88 20.99 9.64 44.98
N ARG A 89 20.37 8.73 45.75
CA ARG A 89 20.22 7.31 45.31
C ARG A 89 19.31 7.24 44.07
N VAL A 90 18.31 8.12 43.97
CA VAL A 90 17.46 8.10 42.78
C VAL A 90 18.20 8.61 41.56
N GLY A 91 19.00 9.67 41.70
CA GLY A 91 19.76 10.16 40.57
C GLY A 91 20.79 9.17 40.08
N LEU A 92 21.55 8.58 41.01
CA LEU A 92 22.54 7.58 40.61
C LEU A 92 21.88 6.37 39.97
N PHE A 93 20.79 5.89 40.59
CA PHE A 93 20.05 4.75 40.00
C PHE A 93 19.61 5.12 38.59
N THR A 94 18.90 6.24 38.44
CA THR A 94 18.36 6.63 37.11
C THR A 94 19.49 6.58 36.08
N LEU A 95 20.56 7.36 36.29
CA LEU A 95 21.70 7.42 35.33
C LEU A 95 22.18 6.00 34.99
N ALA A 96 22.50 5.19 35.99
CA ALA A 96 23.03 3.82 35.73
C ALA A 96 22.02 3.02 34.91
N MET A 97 20.75 3.02 35.33
CA MET A 97 19.70 2.21 34.63
C MET A 97 19.56 2.64 33.18
N ASN A 98 19.62 3.95 32.91
CA ASN A 98 19.40 4.46 31.53
C ASN A 98 20.65 4.20 30.69
N ARG A 99 21.82 4.14 31.30
CA ARG A 99 23.04 3.77 30.54
C ARG A 99 23.01 2.27 30.23
N ALA A 100 22.47 1.48 31.16
CA ALA A 100 22.37 0.02 30.96
C ALA A 100 21.28 -0.26 29.93
N GLY A 101 20.15 0.44 30.05
CA GLY A 101 19.08 0.22 29.08
C GLY A 101 19.45 0.68 27.69
N SER A 102 20.15 1.82 27.58
CA SER A 102 20.62 2.28 26.28
C SER A 102 21.56 1.26 25.66
N ILE A 103 22.50 0.72 26.44
CA ILE A 103 23.41 -0.29 25.92
C ILE A 103 22.64 -1.53 25.49
N VAL A 104 21.69 -1.98 26.32
CA VAL A 104 20.94 -3.19 26.02
C VAL A 104 20.15 -3.04 24.74
N PHE A 105 19.51 -1.89 24.53
CA PHE A 105 18.73 -1.69 23.33
C PHE A 105 19.58 -1.42 22.09
N LEU A 106 20.78 -0.86 22.26
CA LEU A 106 21.72 -0.85 21.14
C LEU A 106 22.06 -2.27 20.71
N THR A 107 22.35 -3.15 21.68
CA THR A 107 22.62 -4.53 21.34
C THR A 107 21.42 -5.22 20.70
N VAL A 108 20.22 -4.92 21.21
CA VAL A 108 18.98 -5.51 20.64
C VAL A 108 18.86 -5.08 19.19
N VAL A 109 19.02 -3.77 18.92
CA VAL A 109 18.90 -3.27 17.55
C VAL A 109 19.94 -3.94 16.65
N ALA A 110 21.17 -4.09 17.13
CA ALA A 110 22.20 -4.75 16.34
C ALA A 110 21.81 -6.20 16.03
N ALA A 111 21.28 -6.92 17.02
CA ALA A 111 20.88 -8.30 16.80
C ALA A 111 19.71 -8.39 15.82
N ASP A 112 18.74 -7.48 15.94
CA ASP A 112 17.64 -7.46 15.00
C ASP A 112 18.13 -7.25 13.57
N ARG A 113 19.06 -6.30 13.39
CA ARG A 113 19.62 -6.09 12.06
C ARG A 113 20.40 -7.31 11.57
N TYR A 114 21.12 -7.97 12.47
CA TYR A 114 21.84 -9.18 12.08
C TYR A 114 20.89 -10.25 11.59
N PHE A 115 19.77 -10.44 12.28
CA PHE A 115 18.80 -11.45 11.86
C PHE A 115 18.04 -11.05 10.61
N LYS A 116 17.83 -9.75 10.40
CA LYS A 116 17.17 -9.29 9.19
C LYS A 116 18.05 -9.35 7.95
N VAL A 117 19.36 -9.24 8.11
CA VAL A 117 20.29 -9.23 6.99
C VAL A 117 20.88 -10.61 6.73
N VAL A 118 21.25 -11.33 7.78
CA VAL A 118 21.95 -12.61 7.60
C VAL A 118 21.01 -13.80 7.58
N HIS A 119 19.81 -13.67 8.16
CA HIS A 119 18.81 -14.74 8.16
C HIS A 119 17.48 -14.13 7.76
N PRO A 120 17.35 -13.70 6.50
CA PRO A 120 16.11 -13.00 6.10
C PRO A 120 14.86 -13.83 6.29
N HIS A 121 14.93 -15.14 6.08
CA HIS A 121 13.77 -16.02 6.08
C HIS A 121 13.67 -16.82 7.37
N HIS A 122 14.06 -16.17 8.48
CA HIS A 122 14.06 -16.87 9.79
C HIS A 122 12.80 -16.51 10.57
N ALA A 123 12.42 -17.36 11.52
CA ALA A 123 11.21 -17.16 12.31
C ALA A 123 11.30 -15.91 13.19
N VAL A 124 12.52 -15.57 13.63
CA VAL A 124 12.71 -14.39 14.53
C VAL A 124 12.13 -13.15 13.86
N ASN A 125 12.24 -13.04 12.54
CA ASN A 125 11.77 -11.87 11.81
C ASN A 125 10.25 -11.82 11.69
N THR A 126 9.58 -12.92 12.02
CA THR A 126 8.11 -13.00 11.81
C THR A 126 7.33 -12.53 13.05
N ILE A 127 7.99 -12.40 14.20
CA ILE A 127 7.25 -12.06 15.41
C ILE A 127 6.50 -10.74 15.23
N SER A 128 5.50 -10.54 16.07
CA SER A 128 4.64 -9.37 15.98
C SER A 128 5.06 -8.32 17.01
N THR A 129 4.55 -7.10 16.81
CA THR A 129 4.90 -6.00 17.69
C THR A 129 4.49 -6.26 19.13
N ARG A 130 3.57 -7.18 19.38
CA ARG A 130 3.23 -7.54 20.74
C ARG A 130 4.32 -8.40 21.38
N VAL A 131 4.87 -9.35 20.63
CA VAL A 131 6.02 -10.10 21.12
C VAL A 131 7.22 -9.18 21.29
N ALA A 132 7.36 -8.21 20.38
CA ALA A 132 8.45 -7.23 20.52
C ALA A 132 8.26 -6.48 21.84
N ALA A 133 7.02 -6.06 22.13
CA ALA A 133 6.74 -5.29 23.37
C ALA A 133 6.96 -6.15 24.60
N GLY A 134 6.87 -7.48 24.46
CA GLY A 134 7.11 -8.39 25.58
C GLY A 134 8.59 -8.52 25.87
N ILE A 135 9.42 -8.56 24.84
CA ILE A 135 10.91 -8.64 25.02
C ILE A 135 11.42 -7.32 25.58
N VAL A 136 10.96 -6.18 25.06
CA VAL A 136 11.46 -4.86 25.50
C VAL A 136 11.11 -4.65 26.97
N CYS A 137 9.94 -5.15 27.41
CA CYS A 137 9.50 -5.00 28.82
C CYS A 137 10.28 -5.98 29.70
N THR A 138 10.54 -7.18 29.19
CA THR A 138 11.36 -8.15 29.95
C THR A 138 12.79 -7.60 30.06
N LEU A 139 13.29 -6.96 28.99
CA LEU A 139 14.63 -6.38 29.06
C LEU A 139 14.66 -5.18 30.01
N TRP A 140 13.62 -4.35 29.99
CA TRP A 140 13.53 -3.26 30.94
C TRP A 140 13.49 -3.78 32.38
N ALA A 141 12.73 -4.84 32.61
CA ALA A 141 12.66 -5.41 33.95
C ALA A 141 14.01 -5.95 34.41
N LEU A 142 14.72 -6.63 33.51
CA LEU A 142 16.04 -7.14 33.88
C LEU A 142 17.04 -6.00 34.08
N VAL A 143 16.88 -4.91 33.33
CA VAL A 143 17.75 -3.75 33.52
C VAL A 143 17.51 -3.13 34.89
N ILE A 144 16.23 -2.98 35.26
CA ILE A 144 15.89 -2.31 36.56
C ILE A 144 16.34 -3.20 37.72
N LEU A 145 16.17 -4.51 37.60
CA LEU A 145 16.55 -5.46 38.67
C LEU A 145 18.07 -5.43 38.87
N GLY A 146 18.84 -5.26 37.80
CA GLY A 146 20.31 -5.31 37.92
C GLY A 146 20.91 -3.98 38.31
N THR A 147 20.07 -2.97 38.57
CA THR A 147 20.57 -1.62 38.93
C THR A 147 19.91 -1.12 40.21
N VAL A 148 19.15 -1.96 40.90
CA VAL A 148 18.40 -1.51 42.12
C VAL A 148 19.36 -1.39 43.31
N TYR A 149 20.46 -2.16 43.30
CA TYR A 149 21.42 -2.13 44.43
C TYR A 149 21.75 -0.68 44.76
N LEU A 150 21.78 0.20 43.75
CA LEU A 150 22.08 1.61 43.97
C LEU A 150 21.03 2.29 44.84
N LEU A 151 19.84 1.69 44.98
CA LEU A 151 18.79 2.21 45.84
C LEU A 151 18.80 1.59 47.22
N LEU A 152 19.72 0.67 47.49
CA LEU A 152 19.78 -0.02 48.77
C LEU A 152 21.06 0.30 49.54
N GLU A 153 21.66 1.46 49.28
CA GLU A 153 22.88 1.85 49.95
C GLU A 153 22.91 3.37 50.08
N ASN A 154 23.84 3.86 50.91
CA ASN A 154 24.04 5.28 51.08
C ASN A 154 25.27 5.69 50.28
N HIS A 155 25.07 6.56 49.28
CA HIS A 155 26.13 7.01 48.39
C HIS A 155 26.70 8.35 48.80
N LEU A 156 26.12 8.96 49.84
CA LEU A 156 26.55 10.32 50.25
C LEU A 156 27.80 10.29 51.12
N CYS A 157 28.90 10.88 50.63
CA CYS A 157 30.14 11.00 51.39
C CYS A 157 30.25 12.45 51.85
N VAL A 158 30.30 12.66 53.16
CA VAL A 158 30.33 14.05 53.71
C VAL A 158 31.77 14.39 54.14
N GLN A 159 32.30 15.51 53.66
CA GLN A 159 33.68 15.93 54.00
C GLN A 159 33.81 17.45 53.87
N GLU A 160 34.21 18.13 54.94
CA GLU A 160 34.38 19.60 54.90
C GLU A 160 33.13 20.25 54.31
N THR A 161 31.96 19.93 54.88
CA THR A 161 30.68 20.54 54.41
C THR A 161 30.53 20.35 52.90
N ALA A 162 31.23 19.37 52.32
CA ALA A 162 31.08 19.08 50.88
C ALA A 162 30.55 17.66 50.70
N VAL A 163 29.26 17.52 50.37
CA VAL A 163 28.65 16.16 50.21
C VAL A 163 28.88 15.69 48.76
N SER A 164 29.32 14.45 48.59
CA SER A 164 29.60 13.92 47.24
C SER A 164 28.71 12.70 46.95
N CYS A 165 27.79 12.83 46.01
CA CYS A 165 26.91 11.69 45.63
C CYS A 165 27.53 10.96 44.43
N GLU A 166 28.39 9.96 44.68
CA GLU A 166 29.07 9.28 43.57
C GLU A 166 28.99 7.76 43.71
N SER A 167 28.75 7.05 42.61
CA SER A 167 28.75 5.60 42.60
C SER A 167 30.10 5.01 42.19
N PHE A 168 30.89 5.75 41.41
CA PHE A 168 32.26 5.37 41.10
C PHE A 168 33.16 6.05 42.13
N ILE A 169 33.26 5.42 43.30
CA ILE A 169 34.00 6.01 44.42
C ILE A 169 35.49 5.85 44.19
N MET A 170 36.24 6.93 44.38
CA MET A 170 37.69 6.89 44.29
C MET A 170 38.35 6.20 45.46
N GLU A 171 37.56 5.90 46.50
CA GLU A 171 38.10 5.21 47.70
C GLU A 171 38.58 3.82 47.30
N SER A 172 37.73 3.04 46.63
CA SER A 172 38.08 1.65 46.22
C SER A 172 37.06 1.11 45.23
N ALA A 173 37.16 -0.17 44.89
CA ALA A 173 36.23 -0.80 43.92
C ALA A 173 34.84 -0.95 44.57
N ASN A 174 33.81 -0.36 43.95
CA ASN A 174 32.45 -0.39 44.53
C ASN A 174 31.96 -1.84 44.59
N GLY A 175 32.49 -2.72 43.74
CA GLY A 175 32.06 -4.13 43.71
C GLY A 175 31.23 -4.44 42.48
N TRP A 176 29.94 -4.71 42.66
CA TRP A 176 29.06 -5.09 41.52
C TRP A 176 29.01 -3.93 40.51
N HIS A 177 29.00 -2.70 41.01
CA HIS A 177 28.98 -1.50 40.14
C HIS A 177 30.14 -1.57 39.15
N ASP A 178 31.34 -1.90 39.64
CA ASP A 178 32.53 -2.00 38.75
C ASP A 178 32.37 -3.21 37.84
N ILE A 179 31.98 -4.37 38.39
CA ILE A 179 31.74 -5.57 37.57
C ILE A 179 30.74 -5.23 36.46
N MET A 180 29.53 -4.86 36.85
CA MET A 180 28.49 -4.50 35.89
C MET A 180 29.01 -3.47 34.89
N PHE A 181 29.79 -2.50 35.37
CA PHE A 181 30.33 -1.48 34.48
C PHE A 181 31.20 -2.11 33.39
N GLN A 182 31.98 -3.12 33.75
CA GLN A 182 32.89 -3.76 32.76
C GLN A 182 32.09 -4.67 31.83
N LEU A 183 31.16 -5.45 32.38
CA LEU A 183 30.41 -6.40 31.55
C LEU A 183 29.49 -5.68 30.58
N GLU A 184 28.78 -4.66 31.08
CA GLU A 184 27.84 -3.89 30.23
C GLU A 184 28.56 -3.30 29.01
N PHE A 185 29.88 -3.46 28.91
CA PHE A 185 30.60 -2.98 27.70
C PHE A 185 31.15 -4.17 26.93
N PHE A 186 32.01 -4.98 27.56
CA PHE A 186 32.68 -6.09 26.84
C PHE A 186 31.65 -7.06 26.24
N MET A 187 30.59 -7.37 26.98
CA MET A 187 29.59 -8.37 26.50
C MET A 187 28.83 -7.80 25.28
N PRO A 188 28.11 -6.67 25.38
CA PRO A 188 27.45 -6.07 24.22
C PRO A 188 28.46 -5.72 23.13
N LEU A 189 29.68 -5.36 23.52
CA LEU A 189 30.72 -5.05 22.53
C LEU A 189 30.97 -6.24 21.63
N GLY A 190 31.12 -7.43 22.21
CA GLY A 190 31.32 -8.62 21.41
C GLY A 190 30.13 -8.92 20.51
N ILE A 191 28.93 -8.82 21.08
CA ILE A 191 27.72 -9.09 20.29
C ILE A 191 27.62 -8.11 19.12
N ILE A 192 27.84 -6.83 19.39
CA ILE A 192 27.71 -5.81 18.35
C ILE A 192 28.78 -5.98 17.28
N LEU A 193 30.01 -6.28 17.69
CA LEU A 193 31.07 -6.49 16.70
C LEU A 193 30.77 -7.68 15.82
N PHE A 194 30.32 -8.79 16.42
CA PHE A 194 29.98 -9.97 15.63
C PHE A 194 28.86 -9.66 14.64
N CYS A 195 27.79 -9.03 15.12
CA CYS A 195 26.65 -8.73 14.26
C CYS A 195 27.05 -7.78 13.14
N SER A 196 27.83 -6.74 13.46
CA SER A 196 28.23 -5.78 12.43
C SER A 196 29.12 -6.43 11.37
N PHE A 197 30.10 -7.22 11.80
CA PHE A 197 30.97 -7.88 10.83
C PHE A 197 30.16 -8.81 9.94
N LYS A 198 29.27 -9.61 10.54
CA LYS A 198 28.45 -10.52 9.75
C LYS A 198 27.57 -9.75 8.77
N ILE A 199 26.96 -8.66 9.23
CA ILE A 199 26.01 -7.90 8.37
C ILE A 199 26.78 -7.37 7.16
N VAL A 200 27.84 -6.59 7.39
CA VAL A 200 28.61 -5.97 6.27
C VAL A 200 29.06 -7.08 5.31
N TRP A 201 29.77 -8.09 5.85
CA TRP A 201 30.25 -9.23 5.01
C TRP A 201 29.10 -9.73 4.15
N SER A 202 28.01 -10.18 4.78
CA SER A 202 26.83 -10.68 4.03
C SER A 202 26.45 -9.69 2.92
N LEU A 203 26.24 -8.42 3.26
CA LEU A 203 25.78 -7.43 2.27
C LEU A 203 26.73 -7.45 1.05
N ARG A 204 28.04 -7.52 1.29
CA ARG A 204 29.02 -7.46 0.18
C ARG A 204 28.80 -8.64 -0.77
N ARG A 205 28.68 -9.86 -0.23
CA ARG A 205 28.52 -11.07 -1.08
C ARG A 205 27.50 -10.81 -2.19
N ARG A 206 26.47 -9.99 -1.92
CA ARG A 206 25.43 -9.77 -2.90
C ARG A 206 25.88 -8.60 -3.77
N GLN A 207 26.55 -8.94 -4.88
CA GLN A 207 27.19 -7.90 -5.68
C GLN A 207 26.18 -7.06 -6.43
N GLN A 208 25.05 -7.64 -6.84
CA GLN A 208 23.99 -6.86 -7.46
C GLN A 208 23.42 -5.84 -6.47
N LEU A 209 23.23 -6.24 -5.22
CA LEU A 209 22.71 -5.35 -4.19
C LEU A 209 23.77 -4.37 -3.71
N ALA A 210 25.02 -4.81 -3.61
CA ALA A 210 26.07 -3.94 -3.11
C ALA A 210 26.28 -2.71 -3.99
N ARG A 211 26.04 -2.84 -5.30
CA ARG A 211 26.31 -1.73 -6.21
C ARG A 211 25.42 -0.52 -5.96
N GLN A 212 24.28 -0.71 -5.31
CA GLN A 212 23.40 0.42 -5.06
C GLN A 212 24.06 1.41 -4.09
N ALA A 213 23.67 2.67 -4.20
CA ALA A 213 24.18 3.69 -3.29
C ALA A 213 23.55 3.56 -1.92
N ARG A 214 22.27 3.20 -1.89
CA ARG A 214 21.54 3.03 -0.60
C ARG A 214 22.17 1.87 0.17
N MET A 215 22.62 0.83 -0.54
CA MET A 215 23.25 -0.34 0.12
C MET A 215 24.62 0.07 0.68
N LYS A 216 25.36 0.93 -0.02
CA LYS A 216 26.63 1.41 0.49
C LYS A 216 26.44 2.30 1.71
N LYS A 217 25.42 3.15 1.69
CA LYS A 217 25.15 4.00 2.85
C LYS A 217 24.77 3.16 4.06
N ALA A 218 23.94 2.13 3.86
CA ALA A 218 23.58 1.26 4.97
C ALA A 218 24.80 0.52 5.52
N THR A 219 25.66 0.03 4.63
CA THR A 219 26.86 -0.66 5.07
C THR A 219 27.80 0.27 5.82
N ARG A 220 27.80 1.56 5.47
CA ARG A 220 28.63 2.52 6.18
C ARG A 220 28.05 2.85 7.55
N PHE A 221 26.73 3.00 7.65
CA PHE A 221 26.13 3.35 8.93
C PHE A 221 26.18 2.18 9.91
N ILE A 222 26.13 0.95 9.40
CA ILE A 222 26.25 -0.24 10.30
C ILE A 222 27.61 -0.17 11.01
N MET A 223 28.63 0.35 10.33
CA MET A 223 30.00 0.45 10.93
C MET A 223 30.09 1.71 11.76
N VAL A 224 29.36 2.76 11.38
CA VAL A 224 29.36 4.03 12.11
C VAL A 224 28.81 3.82 13.51
N VAL A 225 27.73 3.04 13.63
CA VAL A 225 27.08 2.82 14.95
C VAL A 225 28.04 2.08 15.89
N ALA A 226 28.78 1.09 15.37
CA ALA A 226 29.75 0.37 16.20
C ALA A 226 30.91 1.26 16.61
N ILE A 227 31.41 2.06 15.66
CA ILE A 227 32.53 3.00 15.98
C ILE A 227 32.09 3.90 17.13
N VAL A 228 30.93 4.54 17.02
CA VAL A 228 30.42 5.46 18.09
C VAL A 228 30.42 4.75 19.44
N PHE A 229 29.81 3.57 19.53
CA PHE A 229 29.70 2.85 20.83
C PHE A 229 31.10 2.68 21.44
N ILE A 230 32.07 2.23 20.65
CA ILE A 230 33.43 1.95 21.21
C ILE A 230 34.13 3.26 21.59
N THR A 231 33.97 4.29 20.76
CA THR A 231 34.63 5.60 21.01
C THR A 231 33.97 6.31 22.19
N CYS A 232 32.73 5.94 22.52
CA CYS A 232 31.99 6.63 23.60
C CYS A 232 32.06 5.82 24.89
N TYR A 233 32.14 4.48 24.80
CA TYR A 233 32.15 3.70 26.03
C TYR A 233 33.50 3.11 26.41
N LEU A 234 34.48 3.11 25.51
CA LEU A 234 35.78 2.52 25.84
C LEU A 234 36.62 3.41 26.73
N PRO A 235 36.62 4.74 26.53
CA PRO A 235 37.43 5.59 27.41
C PRO A 235 37.13 5.42 28.89
N SER A 236 35.84 5.44 29.26
CA SER A 236 35.48 5.33 30.67
C SER A 236 35.81 3.95 31.21
N VAL A 237 35.57 2.89 30.43
CA VAL A 237 35.90 1.55 30.88
C VAL A 237 37.39 1.41 31.09
N SER A 238 38.19 1.98 30.18
CA SER A 238 39.64 1.94 30.32
C SER A 238 40.09 2.70 31.56
N ALA A 239 39.53 3.88 31.81
CA ALA A 239 39.90 4.66 32.98
C ALA A 239 39.56 3.90 34.26
N ARG A 240 38.37 3.31 34.31
CA ARG A 240 37.96 2.55 35.49
C ARG A 240 38.85 1.33 35.69
N LEU A 241 39.24 0.66 34.60
CA LEU A 241 40.12 -0.49 34.70
C LEU A 241 41.49 -0.07 35.22
N TYR A 242 42.01 1.05 34.72
CA TYR A 242 43.30 1.53 35.19
C TYR A 242 43.24 1.86 36.67
N PHE A 243 42.15 2.52 37.11
CA PHE A 243 42.00 2.82 38.53
C PHE A 243 41.93 1.55 39.36
N LEU A 244 41.08 0.62 38.94
CA LEU A 244 40.88 -0.63 39.72
C LEU A 244 42.23 -1.33 39.93
N TRP A 245 42.94 -1.61 38.83
CA TRP A 245 44.25 -2.31 38.91
C TRP A 245 45.15 -1.61 39.94
N THR A 246 45.42 -0.32 39.76
CA THR A 246 46.36 0.40 40.66
C THR A 246 45.57 1.06 41.80
N VAL A 247 44.56 0.38 42.34
CA VAL A 247 43.70 0.99 43.40
C VAL A 247 44.55 1.59 44.53
N PRO A 248 45.58 0.90 45.09
CA PRO A 248 46.30 1.44 46.25
C PRO A 248 46.88 2.82 46.01
N SER A 249 47.74 2.95 45.01
CA SER A 249 48.37 4.24 44.73
C SER A 249 47.37 5.22 44.16
N SER A 250 46.47 4.74 43.29
CA SER A 250 45.49 5.62 42.64
C SER A 250 44.39 6.08 43.58
N ALA A 251 44.30 5.51 44.79
CA ALA A 251 43.24 5.86 45.73
C ALA A 251 43.15 7.36 45.93
N CYS A 252 41.99 7.94 45.61
CA CYS A 252 41.75 9.37 45.81
C CYS A 252 42.70 10.21 44.98
N ASP A 253 43.28 9.63 43.93
CA ASP A 253 44.20 10.36 43.05
C ASP A 253 43.45 11.45 42.30
N PRO A 254 43.95 12.69 42.30
CA PRO A 254 43.24 13.77 41.61
C PRO A 254 43.14 13.54 40.10
N SER A 255 44.26 13.18 39.48
CA SER A 255 44.29 13.02 38.03
C SER A 255 43.40 11.87 37.58
N VAL A 256 43.47 10.73 38.27
CA VAL A 256 42.62 9.60 37.91
C VAL A 256 41.16 9.94 38.11
N HIS A 257 40.84 10.65 39.20
CA HIS A 257 39.46 11.05 39.45
C HIS A 257 38.95 11.95 38.34
N GLY A 258 39.76 12.93 37.92
CA GLY A 258 39.34 13.82 36.85
C GLY A 258 39.17 13.10 35.54
N ALA A 259 40.10 12.19 35.21
CA ALA A 259 39.97 11.41 33.98
C ALA A 259 38.71 10.58 34.01
N LEU A 260 38.42 9.93 35.14
CA LEU A 260 37.22 9.11 35.24
C LEU A 260 35.96 9.95 35.06
N HIS A 261 35.89 11.07 35.77
CA HIS A 261 34.67 11.92 35.70
C HIS A 261 34.46 12.42 34.27
N ILE A 262 35.53 12.88 33.62
CA ILE A 262 35.41 13.44 32.24
C ILE A 262 35.01 12.30 31.29
N THR A 263 35.68 11.15 31.37
CA THR A 263 35.37 10.07 30.44
C THR A 263 33.95 9.54 30.64
N LEU A 264 33.41 9.68 31.84
CA LEU A 264 32.05 9.15 32.12
C LEU A 264 31.00 10.00 31.40
N SER A 265 31.36 11.21 30.96
CA SER A 265 30.42 12.03 30.20
C SER A 265 30.32 11.61 28.74
N PHE A 266 31.26 10.81 28.25
CA PHE A 266 31.17 10.33 26.88
C PHE A 266 30.02 9.35 26.71
N THR A 267 29.59 8.69 27.77
CA THR A 267 28.38 7.86 27.69
C THR A 267 27.15 8.72 27.45
N TYR A 268 27.06 9.86 28.13
CA TYR A 268 25.99 10.80 27.85
C TYR A 268 26.10 11.35 26.44
N MET A 269 27.32 11.52 25.94
CA MET A 269 27.49 11.96 24.53
C MET A 269 26.88 10.92 23.59
N ASN A 270 27.00 9.64 23.93
CA ASN A 270 26.46 8.55 23.07
C ASN A 270 24.94 8.70 22.95
N SER A 271 24.26 8.91 24.07
CA SER A 271 22.77 9.02 24.05
C SER A 271 22.32 10.29 23.34
N MET A 272 23.26 11.18 23.02
CA MET A 272 22.93 12.44 22.31
C MET A 272 23.17 12.26 20.81
N LEU A 273 24.13 11.41 20.44
CA LEU A 273 24.44 11.14 19.01
C LEU A 273 23.62 9.95 18.54
N ASP A 274 23.00 9.21 19.47
CA ASP A 274 22.20 8.01 19.11
C ASP A 274 21.09 8.39 18.14
N PRO A 275 20.27 9.43 18.41
CA PRO A 275 19.14 9.77 17.54
C PRO A 275 19.65 10.25 16.18
N LEU A 276 20.91 10.68 16.11
CA LEU A 276 21.49 11.21 14.85
C LEU A 276 21.87 10.03 13.94
N VAL A 277 22.46 8.97 14.51
CA VAL A 277 22.89 7.83 13.73
C VAL A 277 21.83 6.74 13.67
N TYR A 278 20.65 6.99 14.22
CA TYR A 278 19.62 5.96 14.24
C TYR A 278 18.29 6.43 13.65
N TYR A 279 17.96 7.71 13.84
CA TYR A 279 16.65 8.22 13.37
C TYR A 279 16.84 9.25 12.26
N PHE A 280 17.68 10.27 12.49
CA PHE A 280 17.82 11.33 11.50
C PHE A 280 18.57 10.84 10.26
N SER A 281 19.53 9.93 10.47
CA SER A 281 20.23 9.33 9.34
C SER A 281 19.36 8.36 8.55
N SER A 282 18.18 8.03 9.05
CA SER A 282 17.31 7.09 8.36
C SER A 282 16.70 7.73 7.13
N PRO A 283 16.89 7.16 5.93
CA PRO A 283 16.28 7.73 4.73
C PRO A 283 14.81 7.36 4.55
N SER A 284 14.20 6.70 5.52
CA SER A 284 12.81 6.28 5.41
C SER A 284 11.94 6.66 6.61
N PHE A 285 12.53 6.98 7.75
CA PHE A 285 11.75 7.41 8.90
C PHE A 285 11.22 8.80 8.65
N PRO A 286 9.88 9.03 8.68
CA PRO A 286 9.32 10.37 8.49
C PRO A 286 9.61 11.25 9.71
N CYS B 3 -21.11 -2.45 28.08
CA CYS B 3 -21.60 -1.10 28.37
C CYS B 3 -22.65 -0.66 27.35
N THR B 4 -23.90 -0.57 27.81
CA THR B 4 -25.07 -0.21 27.00
C THR B 4 -25.21 -1.12 25.78
N LEU B 5 -24.93 -2.40 25.96
CA LEU B 5 -25.07 -3.40 24.92
C LEU B 5 -25.96 -4.53 25.41
N SER B 6 -26.75 -5.08 24.50
CA SER B 6 -27.57 -6.24 24.82
C SER B 6 -26.71 -7.50 24.77
N ALA B 7 -27.33 -8.63 25.11
CA ALA B 7 -26.64 -9.91 25.04
C ALA B 7 -26.28 -10.26 23.59
N GLU B 8 -27.22 -10.03 22.67
CA GLU B 8 -26.98 -10.30 21.27
C GLU B 8 -25.94 -9.33 20.69
N ASP B 9 -25.96 -8.07 21.14
CA ASP B 9 -24.95 -7.12 20.71
C ASP B 9 -23.56 -7.53 21.17
N LYS B 10 -23.43 -7.98 22.41
CA LYS B 10 -22.15 -8.44 22.92
C LYS B 10 -21.67 -9.69 22.20
N ALA B 11 -22.59 -10.60 21.89
CA ALA B 11 -22.20 -11.81 21.17
C ALA B 11 -21.82 -11.50 19.72
N ALA B 12 -22.48 -10.53 19.09
CA ALA B 12 -22.08 -10.09 17.75
C ALA B 12 -20.71 -9.41 17.78
N VAL B 13 -20.42 -8.65 18.84
CA VAL B 13 -19.10 -8.05 18.98
C VAL B 13 -18.04 -9.13 19.16
N GLU B 14 -18.37 -10.18 19.92
CA GLU B 14 -17.44 -11.31 20.08
C GLU B 14 -17.20 -12.03 18.76
N ARG B 15 -18.26 -12.21 17.95
CA ARG B 15 -18.10 -12.80 16.63
C ARG B 15 -17.24 -11.93 15.73
N SER B 16 -17.41 -10.61 15.80
CA SER B 16 -16.59 -9.68 15.03
C SER B 16 -15.13 -9.76 15.47
N LYS B 17 -14.88 -9.93 16.76
CA LYS B 17 -13.50 -10.06 17.24
C LYS B 17 -12.87 -11.37 16.79
N MET B 18 -13.65 -12.45 16.77
CA MET B 18 -13.13 -13.71 16.22
C MET B 18 -12.80 -13.58 14.73
N ILE B 19 -13.67 -12.89 13.99
CA ILE B 19 -13.42 -12.65 12.57
C ILE B 19 -12.17 -11.81 12.38
N ASP B 20 -11.97 -10.80 13.23
CA ASP B 20 -10.75 -9.99 13.23
C ASP B 20 -9.52 -10.85 13.50
N ARG B 21 -9.63 -11.79 14.44
CA ARG B 21 -8.52 -12.67 14.76
C ARG B 21 -8.14 -13.55 13.56
N ASN B 22 -9.15 -14.14 12.91
CA ASN B 22 -8.87 -14.97 11.74
C ASN B 22 -8.32 -14.14 10.58
N LEU B 23 -8.80 -12.90 10.43
CA LEU B 23 -8.25 -12.01 9.41
C LEU B 23 -6.79 -11.67 9.69
N ARG B 24 -6.44 -11.45 10.96
CA ARG B 24 -5.05 -11.19 11.31
C ARG B 24 -4.16 -12.40 11.05
N GLU B 25 -4.65 -13.61 11.37
CA GLU B 25 -3.87 -14.81 11.07
C GLU B 25 -3.68 -15.01 9.58
N ASP B 26 -4.73 -14.77 8.78
CA ASP B 26 -4.61 -14.90 7.34
C ASP B 26 -3.66 -13.85 6.76
N GLY B 27 -3.70 -12.63 7.28
CA GLY B 27 -2.78 -11.60 6.81
C GLY B 27 -1.34 -11.89 7.18
N GLU B 28 -1.11 -12.44 8.36
CA GLU B 28 0.25 -12.82 8.74
C GLU B 28 0.74 -14.01 7.92
N LYS B 29 -0.16 -14.93 7.57
CA LYS B 29 0.23 -16.02 6.68
C LYS B 29 0.55 -15.52 5.28
N ALA B 30 -0.23 -14.57 4.78
CA ALA B 30 -0.01 -14.03 3.44
C ALA B 30 1.17 -13.06 3.37
N ALA B 31 1.59 -12.50 4.51
CA ALA B 31 2.72 -11.58 4.52
C ALA B 31 4.04 -12.29 4.34
N ARG B 32 4.14 -13.55 4.77
CA ARG B 32 5.37 -14.32 4.61
C ARG B 32 5.48 -14.96 3.24
N GLU B 33 4.45 -14.88 2.41
CA GLU B 33 4.47 -15.43 1.07
C GLU B 33 5.11 -14.44 0.10
N VAL B 34 5.71 -14.98 -0.96
CA VAL B 34 6.38 -14.17 -1.97
C VAL B 34 5.48 -14.10 -3.20
N LYS B 35 5.11 -12.89 -3.59
CA LYS B 35 4.24 -12.66 -4.73
C LYS B 35 5.08 -12.36 -5.95
N LEU B 36 4.92 -13.15 -7.01
CA LEU B 36 5.67 -12.99 -8.25
C LEU B 36 4.70 -12.86 -9.42
N LEU B 37 4.94 -11.86 -10.26
CA LEU B 37 4.13 -11.65 -11.45
C LEU B 37 4.88 -12.24 -12.65
N LEU B 38 4.25 -13.19 -13.32
CA LEU B 38 4.85 -13.88 -14.47
C LEU B 38 4.38 -13.20 -15.75
N LEU B 39 5.32 -12.74 -16.56
CA LEU B 39 5.02 -11.98 -17.76
C LEU B 39 5.86 -12.49 -18.92
N GLY B 40 5.39 -12.20 -20.12
CA GLY B 40 6.07 -12.59 -21.34
C GLY B 40 5.20 -12.35 -22.55
N ALA B 41 5.85 -12.29 -23.71
CA ALA B 41 5.16 -12.01 -24.96
C ALA B 41 4.65 -13.32 -25.54
N GLY B 42 3.39 -13.64 -25.25
CA GLY B 42 2.79 -14.85 -25.77
C GLY B 42 3.34 -16.09 -25.09
N GLU B 43 3.10 -17.23 -25.72
CA GLU B 43 3.60 -18.53 -25.25
C GLU B 43 5.03 -18.68 -25.75
N SER B 44 5.98 -18.14 -25.01
CA SER B 44 7.39 -18.18 -25.38
C SER B 44 8.20 -19.08 -24.46
N GLY B 45 8.15 -18.86 -23.16
CA GLY B 45 8.84 -19.71 -22.22
C GLY B 45 8.17 -19.83 -20.87
N LYS B 46 6.92 -19.36 -20.76
CA LYS B 46 6.22 -19.36 -19.48
C LYS B 46 5.98 -20.78 -18.98
N ASN B 47 5.54 -21.66 -19.90
CA ASN B 47 5.25 -23.07 -19.53
C ASN B 47 6.52 -23.70 -18.93
N THR B 48 7.59 -23.78 -19.72
CA THR B 48 8.85 -24.39 -19.26
C THR B 48 9.15 -23.92 -17.83
N ILE B 49 9.20 -22.59 -17.64
CA ILE B 49 9.51 -22.03 -16.29
C ILE B 49 8.53 -22.61 -15.28
N VAL B 50 7.22 -22.58 -15.58
CA VAL B 50 6.21 -23.05 -14.59
C VAL B 50 6.58 -24.48 -14.19
N LYS B 51 7.02 -25.29 -15.16
CA LYS B 51 7.44 -26.68 -14.87
C LYS B 51 8.64 -26.63 -13.90
N GLN B 52 9.67 -25.85 -14.24
CA GLN B 52 10.88 -25.75 -13.37
C GLN B 52 10.46 -25.40 -11.94
N MET B 53 9.36 -24.65 -11.79
CA MET B 53 8.93 -24.18 -10.44
C MET B 53 7.86 -25.12 -9.88
N LYS B 54 7.21 -25.91 -10.75
CA LYS B 54 6.12 -26.79 -10.32
C LYS B 54 5.82 -27.84 -11.38
N THR B 182 -10.77 -19.12 -18.16
CA THR B 182 -9.36 -19.08 -17.82
C THR B 182 -8.89 -17.63 -17.62
N GLY B 183 -8.72 -17.24 -16.37
CA GLY B 183 -8.29 -15.89 -16.05
C GLY B 183 -6.85 -15.82 -15.61
N ILE B 184 -6.63 -15.69 -14.31
CA ILE B 184 -5.29 -15.66 -13.75
C ILE B 184 -4.95 -17.05 -13.23
N VAL B 185 -3.71 -17.47 -13.44
CA VAL B 185 -3.24 -18.80 -13.06
C VAL B 185 -2.39 -18.67 -11.81
N GLU B 186 -2.72 -19.47 -10.79
CA GLU B 186 -2.00 -19.48 -9.53
C GLU B 186 -1.03 -20.65 -9.51
N THR B 187 0.25 -20.35 -9.29
CA THR B 187 1.29 -21.37 -9.17
C THR B 187 1.92 -21.27 -7.80
N HIS B 188 1.83 -22.34 -7.01
CA HIS B 188 2.33 -22.36 -5.64
C HIS B 188 3.49 -23.34 -5.57
N PHE B 189 4.62 -22.87 -5.05
CA PHE B 189 5.76 -23.75 -4.82
C PHE B 189 6.54 -23.24 -3.63
N THR B 190 7.18 -24.16 -2.92
CA THR B 190 7.97 -23.86 -1.73
C THR B 190 9.43 -24.23 -2.01
N PHE B 191 10.34 -23.30 -1.72
CA PHE B 191 11.76 -23.53 -1.91
C PHE B 191 12.50 -22.93 -0.71
N LYS B 192 13.24 -23.80 -0.01
CA LYS B 192 14.04 -23.42 1.17
C LYS B 192 13.18 -22.75 2.25
N ASP B 193 12.07 -23.42 2.58
CA ASP B 193 11.11 -22.99 3.61
C ASP B 193 10.53 -21.62 3.31
N LEU B 194 10.35 -21.31 2.02
CA LEU B 194 9.77 -20.04 1.59
C LEU B 194 8.70 -20.33 0.57
N HIS B 195 7.47 -19.93 0.88
CA HIS B 195 6.34 -20.15 -0.03
C HIS B 195 6.27 -19.05 -1.07
N PHE B 196 6.02 -19.44 -2.31
CA PHE B 196 5.98 -18.53 -3.44
C PHE B 196 4.61 -18.54 -4.07
N LYS B 197 4.07 -17.36 -4.36
CA LYS B 197 2.82 -17.19 -5.09
C LYS B 197 3.17 -16.54 -6.42
N MET B 198 3.16 -17.32 -7.50
CA MET B 198 3.50 -16.82 -8.82
C MET B 198 2.24 -16.77 -9.67
N PHE B 199 1.92 -15.59 -10.18
CA PHE B 199 0.68 -15.34 -10.90
C PHE B 199 0.96 -15.17 -12.38
N ASP B 200 0.25 -15.94 -13.21
CA ASP B 200 0.36 -15.86 -14.65
C ASP B 200 -0.85 -15.11 -15.19
N VAL B 201 -0.60 -14.00 -15.87
CA VAL B 201 -1.67 -13.15 -16.40
C VAL B 201 -1.82 -13.40 -17.89
N GLY B 202 -1.41 -14.58 -18.36
CA GLY B 202 -1.64 -14.96 -19.73
C GLY B 202 -3.12 -15.14 -20.03
N ALA B 203 -3.45 -14.97 -21.31
CA ALA B 203 -4.82 -15.01 -21.85
C ALA B 203 -5.73 -13.96 -21.21
N GLN B 204 -5.15 -12.90 -20.64
CA GLN B 204 -5.91 -11.74 -20.19
C GLN B 204 -5.73 -10.66 -21.26
N ARG B 205 -6.46 -10.84 -22.36
CA ARG B 205 -6.32 -9.97 -23.53
C ARG B 205 -7.22 -8.75 -23.34
N SER B 206 -6.70 -7.76 -22.64
CA SER B 206 -7.40 -6.51 -22.40
C SER B 206 -6.36 -5.41 -22.24
N GLU B 207 -6.81 -4.22 -21.82
CA GLU B 207 -5.86 -3.16 -21.49
C GLU B 207 -5.16 -3.51 -20.20
N ARG B 208 -3.83 -3.52 -20.24
CA ARG B 208 -3.04 -3.90 -19.08
C ARG B 208 -3.14 -2.88 -17.95
N LYS B 209 -3.22 -1.59 -18.30
CA LYS B 209 -3.18 -0.52 -17.31
C LYS B 209 -4.40 -0.50 -16.39
N LYS B 210 -5.47 -1.21 -16.73
CA LYS B 210 -6.66 -1.26 -15.90
C LYS B 210 -6.58 -2.32 -14.80
N TRP B 211 -5.61 -3.23 -14.86
CA TRP B 211 -5.46 -4.23 -13.81
C TRP B 211 -4.01 -4.45 -13.39
N ILE B 212 -3.05 -3.75 -13.98
CA ILE B 212 -1.65 -3.93 -13.59
C ILE B 212 -1.32 -3.26 -12.26
N HIS B 213 -2.20 -2.38 -11.76
CA HIS B 213 -2.02 -1.82 -10.42
C HIS B 213 -2.41 -2.80 -9.32
N CYS B 214 -3.06 -3.92 -9.67
CA CYS B 214 -3.35 -4.95 -8.68
C CYS B 214 -2.08 -5.64 -8.21
N PHE B 215 -1.06 -5.69 -9.06
CA PHE B 215 0.21 -6.33 -8.74
C PHE B 215 1.28 -5.31 -8.32
N GLU B 216 0.87 -4.19 -7.74
CA GLU B 216 1.83 -3.17 -7.33
C GLU B 216 2.69 -3.64 -6.17
N GLY B 217 2.14 -4.48 -5.29
CA GLY B 217 2.87 -4.91 -4.12
C GLY B 217 3.55 -6.26 -4.22
N VAL B 218 3.78 -6.73 -5.45
CA VAL B 218 4.46 -8.01 -5.62
C VAL B 218 5.94 -7.86 -5.27
N THR B 219 6.55 -8.97 -4.89
CA THR B 219 7.97 -8.96 -4.52
C THR B 219 8.85 -8.72 -5.73
N ALA B 220 8.61 -9.43 -6.83
CA ALA B 220 9.40 -9.27 -8.03
C ALA B 220 8.57 -9.69 -9.23
N ILE B 221 9.03 -9.29 -10.40
CA ILE B 221 8.38 -9.63 -11.67
C ILE B 221 9.29 -10.61 -12.39
N ILE B 222 8.76 -11.78 -12.71
CA ILE B 222 9.49 -12.78 -13.49
C ILE B 222 9.08 -12.59 -14.95
N PHE B 223 10.02 -12.12 -15.76
CA PHE B 223 9.76 -11.84 -17.17
C PHE B 223 10.44 -12.90 -18.01
N CYS B 224 9.65 -13.65 -18.77
CA CYS B 224 10.14 -14.76 -19.57
C CYS B 224 10.23 -14.33 -21.03
N VAL B 225 11.43 -14.44 -21.60
CA VAL B 225 11.68 -14.05 -22.98
C VAL B 225 12.34 -15.23 -23.70
N ALA B 226 11.77 -15.65 -24.81
CA ALA B 226 12.41 -16.65 -25.64
C ALA B 226 13.59 -16.02 -26.38
N LEU B 227 14.70 -16.75 -26.46
CA LEU B 227 15.83 -16.27 -27.24
C LEU B 227 15.75 -16.68 -28.70
N SER B 228 14.91 -17.66 -29.03
CA SER B 228 14.89 -18.21 -30.37
C SER B 228 13.94 -17.48 -31.32
N ASP B 229 13.12 -16.56 -30.81
CA ASP B 229 12.15 -15.86 -31.65
C ASP B 229 12.68 -14.51 -32.15
N TYR B 230 14.00 -14.35 -32.26
CA TYR B 230 14.54 -13.11 -32.78
C TYR B 230 14.28 -12.95 -34.27
N ASP B 231 14.16 -14.06 -35.00
CA ASP B 231 13.88 -14.03 -36.43
C ASP B 231 12.44 -14.42 -36.77
N LEU B 232 11.70 -15.01 -35.83
CA LEU B 232 10.31 -15.33 -36.09
C LEU B 232 9.46 -14.07 -36.12
N VAL B 233 8.29 -14.19 -36.74
CA VAL B 233 7.33 -13.10 -36.82
C VAL B 233 6.17 -13.41 -35.88
N LEU B 234 5.55 -12.34 -35.37
CA LEU B 234 4.45 -12.50 -34.43
C LEU B 234 3.18 -13.02 -35.12
N ALA B 235 3.04 -12.75 -36.42
CA ALA B 235 1.95 -13.12 -37.32
C ALA B 235 0.64 -12.40 -37.00
N GLU B 236 0.60 -11.55 -35.97
CA GLU B 236 -0.58 -10.74 -35.71
C GLU B 236 -0.53 -9.41 -36.45
N ASP B 237 0.68 -8.86 -36.61
CA ASP B 237 0.90 -7.65 -37.38
C ASP B 237 1.90 -7.94 -38.49
N GLU B 238 1.73 -7.27 -39.63
CA GLU B 238 2.64 -7.46 -40.75
C GLU B 238 4.00 -6.85 -40.45
N GLU B 239 5.06 -7.61 -40.76
CA GLU B 239 6.46 -7.23 -40.50
C GLU B 239 6.70 -6.89 -39.03
N MET B 240 6.15 -7.73 -38.15
CA MET B 240 6.29 -7.56 -36.71
C MET B 240 7.19 -8.67 -36.16
N ASN B 241 8.17 -8.29 -35.36
CA ASN B 241 9.10 -9.23 -34.76
C ASN B 241 8.64 -9.60 -33.35
N ARG B 242 8.74 -10.89 -33.03
CA ARG B 242 8.44 -11.34 -31.67
C ARG B 242 9.43 -10.76 -30.68
N MET B 243 10.70 -10.65 -31.08
CA MET B 243 11.73 -10.09 -30.22
C MET B 243 11.42 -8.63 -29.89
N HIS B 244 11.04 -7.84 -30.89
CA HIS B 244 10.73 -6.43 -30.66
C HIS B 244 9.45 -6.26 -29.87
N ALA B 245 8.49 -7.18 -30.03
CA ALA B 245 7.31 -7.19 -29.17
C ALA B 245 7.70 -7.44 -27.72
N SER B 246 8.65 -8.36 -27.50
CA SER B 246 9.15 -8.60 -26.14
C SER B 246 9.86 -7.36 -25.58
N MET B 247 10.64 -6.67 -26.44
CA MET B 247 11.29 -5.43 -26.01
C MET B 247 10.27 -4.36 -25.62
N LYS B 248 9.20 -4.22 -26.41
CA LYS B 248 8.19 -3.21 -26.11
C LYS B 248 7.40 -3.56 -24.85
N LEU B 249 7.08 -4.84 -24.65
CA LEU B 249 6.41 -5.25 -23.43
C LEU B 249 7.30 -5.06 -22.21
N PHE B 250 8.60 -5.36 -22.34
CA PHE B 250 9.53 -5.13 -21.24
C PHE B 250 9.71 -3.64 -20.95
N ASP B 251 9.72 -2.80 -21.99
CA ASP B 251 9.81 -1.37 -21.79
C ASP B 251 8.57 -0.83 -21.08
N SER B 252 7.39 -1.36 -21.43
CA SER B 252 6.16 -0.90 -20.77
C SER B 252 6.10 -1.38 -19.33
N ILE B 253 6.51 -2.62 -19.06
CA ILE B 253 6.40 -3.18 -17.71
C ILE B 253 7.46 -2.59 -16.79
N CYS B 254 8.70 -2.49 -17.27
CA CYS B 254 9.82 -2.06 -16.44
C CYS B 254 9.68 -0.58 -16.04
N ASN B 255 9.31 0.27 -16.99
CA ASN B 255 9.17 1.69 -16.74
C ASN B 255 7.75 2.09 -16.35
N ASN B 256 6.95 1.12 -15.89
CA ASN B 256 5.60 1.41 -15.46
C ASN B 256 5.63 2.17 -14.13
N LYS B 257 4.58 2.97 -13.90
CA LYS B 257 4.52 3.77 -12.68
C LYS B 257 4.30 2.93 -11.45
N TRP B 258 3.70 1.74 -11.59
CA TRP B 258 3.45 0.87 -10.46
C TRP B 258 4.63 -0.04 -10.12
N PHE B 259 5.63 -0.12 -10.99
CA PHE B 259 6.79 -0.98 -10.79
C PHE B 259 8.07 -0.15 -10.78
N THR B 260 8.04 0.99 -10.09
CA THR B 260 9.23 1.83 -10.00
C THR B 260 10.32 1.17 -9.15
N ASP B 261 9.94 0.57 -8.02
CA ASP B 261 10.89 -0.07 -7.12
C ASP B 261 10.72 -1.59 -7.08
N THR B 262 10.08 -2.17 -8.09
CA THR B 262 9.86 -3.62 -8.16
C THR B 262 10.92 -4.21 -9.08
N SER B 263 11.73 -5.12 -8.55
CA SER B 263 12.80 -5.72 -9.32
C SER B 263 12.22 -6.73 -10.33
N ILE B 264 12.98 -6.94 -11.41
CA ILE B 264 12.56 -7.81 -12.49
C ILE B 264 13.56 -8.95 -12.61
N ILE B 265 13.07 -10.18 -12.54
CA ILE B 265 13.87 -11.38 -12.76
C ILE B 265 13.65 -11.78 -14.22
N LEU B 266 14.49 -11.28 -15.11
CA LEU B 266 14.36 -11.56 -16.53
C LEU B 266 14.94 -12.93 -16.85
N PHE B 267 14.14 -13.77 -17.47
CA PHE B 267 14.58 -15.10 -17.90
C PHE B 267 14.66 -15.13 -19.42
N LEU B 268 15.82 -15.54 -19.93
CA LEU B 268 16.04 -15.63 -21.37
C LEU B 268 15.91 -17.10 -21.77
N ASN B 269 14.70 -17.48 -22.19
CA ASN B 269 14.36 -18.87 -22.44
C ASN B 269 15.03 -19.39 -23.71
N LYS B 270 15.20 -20.72 -23.76
CA LYS B 270 15.60 -21.45 -24.96
C LYS B 270 16.98 -21.01 -25.46
N LYS B 271 17.99 -21.17 -24.61
CA LYS B 271 19.34 -20.79 -24.99
C LYS B 271 19.99 -21.81 -25.93
N ASP B 272 19.65 -23.10 -25.80
CA ASP B 272 20.27 -24.11 -26.65
C ASP B 272 19.70 -24.06 -28.07
N LEU B 273 18.39 -23.87 -28.20
CA LEU B 273 17.78 -23.71 -29.51
C LEU B 273 18.32 -22.48 -30.22
N PHE B 274 18.45 -21.37 -29.49
CA PHE B 274 19.02 -20.14 -30.04
C PHE B 274 20.48 -20.34 -30.44
N GLU B 275 21.24 -21.08 -29.63
CA GLU B 275 22.63 -21.37 -29.94
C GLU B 275 22.75 -22.21 -31.22
N GLU B 276 21.89 -23.21 -31.39
CA GLU B 276 22.00 -24.03 -32.58
C GLU B 276 21.41 -23.39 -33.82
N LYS B 277 20.53 -22.40 -33.67
CA LYS B 277 19.95 -21.77 -34.85
C LYS B 277 20.61 -20.45 -35.23
N ILE B 278 21.46 -19.90 -34.37
CA ILE B 278 22.12 -18.64 -34.70
C ILE B 278 23.14 -18.84 -35.84
N LYS B 279 23.64 -20.06 -36.02
CA LYS B 279 24.53 -20.33 -37.14
C LYS B 279 23.79 -20.26 -38.46
N LYS B 280 22.54 -20.76 -38.50
CA LYS B 280 21.76 -20.71 -39.73
C LYS B 280 21.24 -19.30 -40.01
N SER B 281 20.77 -18.60 -38.99
CA SER B 281 20.17 -17.29 -39.17
C SER B 281 20.91 -16.27 -38.31
N PRO B 282 21.47 -15.21 -38.91
CA PRO B 282 22.17 -14.20 -38.12
C PRO B 282 21.21 -13.34 -37.32
N LEU B 283 21.74 -12.71 -36.28
CA LEU B 283 20.96 -11.81 -35.44
C LEU B 283 20.78 -10.44 -36.08
N THR B 284 21.55 -10.12 -37.13
CA THR B 284 21.45 -8.83 -37.80
C THR B 284 20.11 -8.63 -38.49
N ILE B 285 19.36 -9.71 -38.77
CA ILE B 285 18.01 -9.57 -39.30
C ILE B 285 17.07 -9.04 -38.21
N CYS B 286 17.44 -9.23 -36.94
CA CYS B 286 16.66 -8.72 -35.82
C CYS B 286 17.14 -7.34 -35.38
N TYR B 287 18.44 -7.22 -35.09
CA TYR B 287 19.03 -5.95 -34.70
C TYR B 287 19.94 -5.47 -35.83
N PRO B 288 19.52 -4.49 -36.64
CA PRO B 288 20.36 -4.04 -37.75
C PRO B 288 21.65 -3.37 -37.32
N GLU B 289 21.69 -2.77 -36.13
CA GLU B 289 22.89 -2.10 -35.64
C GLU B 289 23.88 -3.05 -34.97
N TYR B 290 23.54 -4.33 -34.86
CA TYR B 290 24.46 -5.30 -34.27
C TYR B 290 25.58 -5.62 -35.24
N ALA B 291 26.83 -5.53 -34.76
CA ALA B 291 27.99 -5.77 -35.60
C ALA B 291 28.95 -6.79 -35.00
N GLY B 292 28.54 -7.51 -33.96
CA GLY B 292 29.38 -8.50 -33.34
C GLY B 292 29.39 -9.81 -34.11
N SER B 293 30.18 -10.75 -33.59
CA SER B 293 30.31 -12.06 -34.21
C SER B 293 29.03 -12.87 -34.00
N ASN B 294 28.83 -13.86 -34.88
CA ASN B 294 27.66 -14.74 -34.81
C ASN B 294 27.94 -15.94 -33.91
N THR B 295 28.25 -15.63 -32.65
CA THR B 295 28.48 -16.63 -31.62
C THR B 295 27.37 -16.53 -30.58
N TYR B 296 27.23 -17.59 -29.78
CA TYR B 296 26.17 -17.63 -28.78
C TYR B 296 26.43 -16.63 -27.66
N GLU B 297 27.67 -16.58 -27.16
CA GLU B 297 27.97 -15.80 -25.97
C GLU B 297 27.86 -14.30 -26.24
N GLU B 298 28.47 -13.82 -27.33
CA GLU B 298 28.48 -12.39 -27.62
C GLU B 298 27.08 -11.89 -27.96
N ALA B 299 26.35 -12.63 -28.79
CA ALA B 299 25.00 -12.22 -29.16
C ALA B 299 24.02 -12.33 -28.00
N ALA B 300 24.19 -13.35 -27.15
CA ALA B 300 23.37 -13.46 -25.96
C ALA B 300 23.61 -12.31 -24.99
N ALA B 301 24.88 -11.93 -24.81
CA ALA B 301 25.20 -10.77 -23.98
C ALA B 301 24.66 -9.49 -24.60
N TYR B 302 24.68 -9.40 -25.92
CA TYR B 302 24.11 -8.23 -26.60
C TYR B 302 22.60 -8.14 -26.39
N ILE B 303 21.90 -9.28 -26.46
CA ILE B 303 20.46 -9.29 -26.23
C ILE B 303 20.15 -8.92 -24.78
N GLN B 304 20.93 -9.45 -23.84
CA GLN B 304 20.75 -9.10 -22.43
C GLN B 304 21.00 -7.61 -22.20
N CYS B 305 22.02 -7.05 -22.84
CA CYS B 305 22.29 -5.62 -22.70
C CYS B 305 21.18 -4.78 -23.33
N GLN B 306 20.64 -5.21 -24.47
CA GLN B 306 19.52 -4.50 -25.08
C GLN B 306 18.28 -4.53 -24.21
N PHE B 307 18.04 -5.65 -23.51
CA PHE B 307 16.90 -5.70 -22.60
C PHE B 307 17.14 -4.85 -21.35
N GLU B 308 18.37 -4.85 -20.85
CA GLU B 308 18.67 -4.04 -19.67
C GLU B 308 18.74 -2.56 -19.97
N ASP B 309 18.94 -2.18 -21.25
CA ASP B 309 18.95 -0.78 -21.62
C ASP B 309 17.55 -0.15 -21.57
N LEU B 310 16.50 -0.96 -21.59
CA LEU B 310 15.14 -0.45 -21.50
C LEU B 310 14.79 0.04 -20.10
N ASN B 311 15.62 -0.25 -19.10
CA ASN B 311 15.38 0.21 -17.75
C ASN B 311 15.84 1.66 -17.62
N LYS B 312 14.88 2.57 -17.51
CA LYS B 312 15.18 3.98 -17.27
C LYS B 312 15.22 4.33 -15.78
N ARG B 313 15.05 3.34 -14.92
CA ARG B 313 15.03 3.55 -13.48
C ARG B 313 16.13 2.74 -12.80
N LYS B 314 17.35 2.79 -13.36
CA LYS B 314 18.46 1.98 -12.84
C LYS B 314 18.88 2.37 -11.43
N ASP B 315 18.55 3.60 -10.98
CA ASP B 315 18.93 4.05 -9.66
C ASP B 315 18.00 3.54 -8.56
N THR B 316 16.88 2.91 -8.92
CA THR B 316 15.91 2.50 -7.92
C THR B 316 15.38 1.09 -8.11
N LYS B 317 15.81 0.36 -9.15
CA LYS B 317 15.40 -1.03 -9.32
C LYS B 317 16.54 -1.81 -9.95
N GLU B 318 16.49 -3.13 -9.72
CA GLU B 318 17.54 -4.04 -10.23
C GLU B 318 16.92 -5.08 -11.15
N ILE B 319 17.60 -5.40 -12.25
CA ILE B 319 17.15 -6.40 -13.21
C ILE B 319 18.10 -7.59 -13.12
N TYR B 320 17.54 -8.76 -12.84
CA TYR B 320 18.30 -10.00 -12.76
C TYR B 320 18.07 -10.80 -14.03
N THR B 321 19.14 -11.15 -14.73
CA THR B 321 19.05 -11.85 -16.00
C THR B 321 19.66 -13.24 -15.86
N HIS B 322 18.93 -14.24 -16.33
CA HIS B 322 19.39 -15.61 -16.26
C HIS B 322 19.11 -16.25 -17.60
N PHE B 323 20.01 -17.12 -18.05
CA PHE B 323 19.80 -17.80 -19.31
C PHE B 323 19.37 -19.21 -18.97
N THR B 324 18.16 -19.54 -19.42
CA THR B 324 17.58 -20.86 -19.07
C THR B 324 17.37 -21.74 -20.29
N CYS B 325 17.79 -23.00 -20.20
CA CYS B 325 17.57 -24.00 -21.23
C CYS B 325 16.21 -24.65 -21.02
N SER B 326 15.83 -25.55 -21.93
CA SER B 326 14.54 -26.23 -21.82
C SER B 326 14.43 -27.04 -20.51
N THR B 327 15.52 -27.68 -20.11
CA THR B 327 15.53 -28.45 -18.88
C THR B 327 16.70 -28.00 -18.01
N ASP B 328 16.52 -26.87 -17.34
CA ASP B 328 17.55 -26.32 -16.47
C ASP B 328 17.10 -26.37 -15.01
N THR B 329 17.90 -27.03 -14.16
CA THR B 329 17.46 -27.25 -12.75
C THR B 329 17.62 -26.02 -11.85
N LYS B 330 18.65 -25.20 -12.04
CA LYS B 330 18.89 -24.09 -11.07
C LYS B 330 18.05 -22.82 -11.33
N ASN B 331 16.91 -22.94 -11.99
CA ASN B 331 16.03 -21.75 -12.21
C ASN B 331 15.43 -21.28 -10.88
N VAL B 332 15.00 -22.21 -10.01
CA VAL B 332 14.41 -21.82 -8.73
C VAL B 332 15.39 -21.11 -7.80
N GLN B 333 16.63 -21.59 -7.76
CA GLN B 333 17.67 -20.97 -6.94
C GLN B 333 17.92 -19.53 -7.37
N PHE B 334 17.90 -19.25 -8.68
CA PHE B 334 18.07 -17.88 -9.15
C PHE B 334 16.91 -16.99 -8.69
N VAL B 335 15.68 -17.52 -8.78
CA VAL B 335 14.51 -16.78 -8.30
C VAL B 335 14.62 -16.54 -6.80
N PHE B 336 15.07 -17.55 -6.04
CA PHE B 336 15.23 -17.41 -4.60
C PHE B 336 16.27 -16.36 -4.26
N ASP B 337 17.39 -16.33 -4.99
CA ASP B 337 18.43 -15.33 -4.74
C ASP B 337 17.94 -13.93 -5.03
N ALA B 338 17.24 -13.74 -6.16
CA ALA B 338 16.71 -12.41 -6.48
C ALA B 338 15.67 -11.97 -5.47
N VAL B 339 14.77 -12.87 -5.06
CA VAL B 339 13.76 -12.56 -4.05
C VAL B 339 14.42 -12.25 -2.72
N THR B 340 15.50 -12.95 -2.38
CA THR B 340 16.22 -12.67 -1.14
C THR B 340 16.87 -11.29 -1.17
N ASP B 341 17.42 -10.91 -2.32
CA ASP B 341 17.97 -9.53 -2.43
C ASP B 341 16.82 -8.54 -2.20
N VAL B 342 15.71 -8.73 -2.91
CA VAL B 342 14.58 -7.81 -2.78
C VAL B 342 14.11 -7.73 -1.33
N ILE B 343 14.08 -8.87 -0.64
CA ILE B 343 13.64 -8.92 0.75
C ILE B 343 14.64 -8.21 1.67
N ILE B 344 15.94 -8.31 1.36
CA ILE B 344 16.96 -7.55 2.09
C ILE B 344 16.75 -6.06 1.89
N LYS B 345 16.49 -5.66 0.64
CA LYS B 345 16.19 -4.23 0.38
C LYS B 345 15.04 -3.85 1.31
N ASN B 346 13.93 -4.59 1.23
CA ASN B 346 12.74 -4.25 2.06
C ASN B 346 13.15 -4.22 3.54
N ASN B 347 13.85 -5.24 4.02
CA ASN B 347 14.23 -5.33 5.45
C ASN B 347 14.93 -4.03 5.89
N LEU B 348 15.91 -3.56 5.10
CA LEU B 348 16.67 -2.33 5.43
C LEU B 348 15.68 -1.18 5.69
N LYS B 349 14.79 -0.92 4.74
CA LYS B 349 13.80 0.18 4.87
C LYS B 349 13.18 0.14 6.28
N ASP B 350 12.82 -1.06 6.76
CA ASP B 350 12.15 -1.20 8.08
C ASP B 350 13.10 -0.76 9.20
N CYS B 351 14.36 -1.21 9.17
CA CYS B 351 15.36 -0.81 10.20
C CYS B 351 15.77 0.64 9.97
N GLY B 352 15.10 1.35 9.06
CA GLY B 352 15.49 2.72 8.72
C GLY B 352 16.95 2.77 8.34
N LEU B 353 17.42 1.78 7.59
CA LEU B 353 18.86 1.70 7.25
C LEU B 353 19.04 1.82 5.73
N PHE B 354 18.02 1.43 4.96
CA PHE B 354 18.14 1.45 3.48
C PHE B 354 18.48 2.88 3.02
N SER C 7 -16.70 -0.71 -53.79
CA SER C 7 -16.45 -1.24 -52.45
C SER C 7 -17.62 -0.94 -51.51
N GLU C 8 -18.20 -2.01 -50.96
CA GLU C 8 -19.33 -1.84 -50.04
C GLU C 8 -18.84 -1.34 -48.68
N LEU C 9 -17.60 -1.68 -48.31
CA LEU C 9 -17.08 -1.29 -47.00
C LEU C 9 -16.91 0.22 -46.91
N ASP C 10 -16.37 0.85 -47.95
CA ASP C 10 -16.20 2.30 -47.95
C ASP C 10 -17.55 3.02 -47.98
N GLN C 11 -18.51 2.47 -48.71
CA GLN C 11 -19.85 3.03 -48.73
C GLN C 11 -20.52 2.94 -47.37
N LEU C 12 -20.33 1.82 -46.66
CA LEU C 12 -20.91 1.69 -45.33
C LEU C 12 -20.19 2.57 -44.31
N ARG C 13 -18.89 2.77 -44.46
CA ARG C 13 -18.20 3.75 -43.60
C ARG C 13 -18.69 5.17 -43.86
N GLN C 14 -18.94 5.51 -45.12
CA GLN C 14 -19.49 6.83 -45.44
C GLN C 14 -20.90 6.98 -44.87
N GLU C 15 -21.70 5.93 -44.93
CA GLU C 15 -23.05 5.97 -44.36
C GLU C 15 -23.00 6.08 -42.84
N ALA C 16 -22.06 5.40 -42.20
CA ALA C 16 -21.90 5.52 -40.75
C ALA C 16 -21.45 6.92 -40.36
N GLU C 17 -20.56 7.53 -41.14
CA GLU C 17 -20.15 8.91 -40.90
C GLU C 17 -21.31 9.87 -41.08
N GLN C 18 -22.14 9.64 -42.10
CA GLN C 18 -23.33 10.47 -42.31
C GLN C 18 -24.32 10.31 -41.16
N LEU C 19 -24.50 9.09 -40.67
CA LEU C 19 -25.39 8.87 -39.53
C LEU C 19 -24.87 9.52 -38.26
N LYS C 20 -23.55 9.46 -38.04
CA LYS C 20 -22.96 10.13 -36.88
C LYS C 20 -23.11 11.64 -36.98
N ASN C 21 -22.94 12.20 -38.18
CA ASN C 21 -23.16 13.63 -38.38
C ASN C 21 -24.62 14.01 -38.17
N GLN C 22 -25.55 13.15 -38.59
CA GLN C 22 -26.97 13.39 -38.37
C GLN C 22 -27.30 13.36 -36.88
N ILE C 23 -26.70 12.43 -36.14
CA ILE C 23 -26.91 12.35 -34.69
C ILE C 23 -26.35 13.58 -34.00
N ARG C 24 -25.15 14.02 -34.42
CA ARG C 24 -24.54 15.21 -33.84
C ARG C 24 -25.36 16.46 -34.15
N ASP C 25 -25.90 16.56 -35.38
CA ASP C 25 -26.72 17.71 -35.74
C ASP C 25 -28.05 17.69 -34.99
N ALA C 26 -28.63 16.52 -34.76
CA ALA C 26 -29.86 16.43 -33.99
C ALA C 26 -29.62 16.78 -32.53
N ARG C 27 -28.46 16.42 -31.99
CA ARG C 27 -28.11 16.84 -30.64
C ARG C 27 -27.88 18.34 -30.55
N LYS C 28 -27.22 18.92 -31.56
CA LYS C 28 -26.91 20.35 -31.53
C LYS C 28 -28.16 21.19 -31.72
N ALA C 29 -29.07 20.78 -32.61
CA ALA C 29 -30.29 21.54 -32.85
C ALA C 29 -31.26 21.44 -31.69
N CYS C 30 -31.19 20.38 -30.89
CA CYS C 30 -32.10 20.18 -29.77
C CYS C 30 -31.62 20.86 -28.50
N ALA C 31 -30.38 21.35 -28.48
CA ALA C 31 -29.83 22.01 -27.31
C ALA C 31 -29.99 23.52 -27.46
N ASP C 32 -30.73 24.13 -26.54
CA ASP C 32 -31.00 25.57 -26.58
C ASP C 32 -30.43 26.29 -25.37
N ALA C 33 -30.66 25.79 -24.17
CA ALA C 33 -30.15 26.40 -22.95
C ALA C 33 -29.59 25.31 -22.05
N THR C 34 -28.34 25.46 -21.65
CA THR C 34 -27.67 24.43 -20.85
C THR C 34 -28.20 24.41 -19.43
N LEU C 35 -27.73 23.43 -18.66
CA LEU C 35 -28.12 23.31 -17.25
C LEU C 35 -27.60 24.48 -16.42
N SER C 36 -26.42 25.00 -16.77
CA SER C 36 -25.89 26.17 -16.07
C SER C 36 -26.77 27.40 -16.29
N GLN C 37 -27.23 27.61 -17.53
CA GLN C 37 -27.98 28.82 -17.86
C GLN C 37 -29.35 28.87 -17.19
N ILE C 38 -29.87 27.73 -16.75
CA ILE C 38 -31.17 27.69 -16.08
C ILE C 38 -30.97 27.59 -14.58
N THR C 39 -29.87 26.97 -14.17
CA THR C 39 -29.64 26.67 -12.76
C THR C 39 -28.88 27.80 -12.04
N ASN C 40 -28.27 28.73 -12.78
CA ASN C 40 -27.50 29.80 -12.14
C ASN C 40 -28.35 30.77 -11.34
N ASN C 41 -29.67 30.71 -11.47
CA ASN C 41 -30.57 31.63 -10.78
C ASN C 41 -31.17 31.05 -9.49
N ILE C 42 -30.73 29.87 -9.06
CA ILE C 42 -31.21 29.32 -7.80
C ILE C 42 -30.05 29.31 -6.80
N ASP C 43 -30.40 29.11 -5.54
CA ASP C 43 -29.43 29.21 -4.46
C ASP C 43 -28.47 28.03 -4.48
N PRO C 44 -27.19 28.25 -4.23
CA PRO C 44 -26.24 27.13 -4.15
C PRO C 44 -26.42 26.36 -2.86
N VAL C 45 -25.74 25.21 -2.80
CA VAL C 45 -25.83 24.34 -1.63
C VAL C 45 -24.93 24.76 -0.49
N GLY C 46 -24.11 25.80 -0.69
CA GLY C 46 -23.17 26.20 0.34
C GLY C 46 -22.00 25.25 0.44
N ARG C 47 -21.40 25.18 1.63
CA ARG C 47 -20.28 24.30 1.90
C ARG C 47 -20.80 23.05 2.59
N ILE C 48 -20.58 21.90 1.96
CA ILE C 48 -21.01 20.62 2.49
C ILE C 48 -19.83 19.98 3.20
N GLN C 49 -19.88 19.95 4.54
CA GLN C 49 -18.83 19.39 5.36
C GLN C 49 -19.31 18.08 5.98
N MET C 50 -18.55 17.01 5.74
CA MET C 50 -18.85 15.70 6.29
C MET C 50 -17.70 15.23 7.17
N ARG C 51 -18.04 14.55 8.26
CA ARG C 51 -17.06 14.03 9.21
C ARG C 51 -17.06 12.52 9.18
N THR C 52 -15.89 11.92 9.38
CA THR C 52 -15.77 10.47 9.44
C THR C 52 -16.44 9.95 10.70
N ARG C 53 -17.61 9.34 10.55
CA ARG C 53 -18.35 8.83 11.70
C ARG C 53 -17.86 7.46 12.12
N ARG C 54 -17.60 6.58 11.16
CA ARG C 54 -17.03 5.27 11.43
C ARG C 54 -15.82 5.05 10.53
N THR C 55 -14.86 4.28 11.04
CA THR C 55 -13.70 3.84 10.27
C THR C 55 -13.66 2.32 10.35
N LEU C 56 -13.97 1.66 9.24
CA LEU C 56 -14.06 0.21 9.20
C LEU C 56 -12.68 -0.37 8.89
N ARG C 57 -12.04 -0.95 9.90
CA ARG C 57 -10.73 -1.56 9.77
C ARG C 57 -10.86 -3.07 9.77
N GLY C 58 -9.91 -3.73 9.11
CA GLY C 58 -9.93 -5.18 9.03
C GLY C 58 -9.42 -5.71 7.70
N HIS C 59 -9.55 -4.93 6.64
CA HIS C 59 -8.91 -5.27 5.39
C HIS C 59 -7.41 -4.99 5.48
N LEU C 60 -6.62 -5.81 4.79
CA LEU C 60 -5.18 -5.71 4.84
C LEU C 60 -4.54 -5.43 3.48
N ALA C 61 -5.33 -5.35 2.41
CA ALA C 61 -4.82 -4.95 1.11
C ALA C 61 -5.66 -3.80 0.57
N LYS C 62 -5.42 -3.40 -0.68
CA LYS C 62 -6.15 -2.30 -1.26
C LYS C 62 -7.61 -2.70 -1.48
N ILE C 63 -8.53 -1.92 -0.91
CA ILE C 63 -9.96 -2.17 -1.09
C ILE C 63 -10.35 -1.69 -2.48
N TYR C 64 -10.88 -2.60 -3.29
CA TYR C 64 -11.18 -2.29 -4.68
C TYR C 64 -12.65 -1.98 -4.93
N ALA C 65 -13.56 -2.48 -4.09
CA ALA C 65 -14.96 -2.25 -4.34
C ALA C 65 -15.76 -2.30 -3.05
N MET C 66 -16.99 -1.82 -3.15
CA MET C 66 -17.95 -1.83 -2.06
C MET C 66 -19.36 -1.86 -2.64
N HIS C 67 -20.32 -2.17 -1.77
CA HIS C 67 -21.72 -1.98 -2.08
C HIS C 67 -22.51 -1.87 -0.78
N TRP C 68 -23.52 -1.02 -0.79
CA TRP C 68 -24.39 -0.83 0.36
C TRP C 68 -25.57 -1.78 0.33
N GLY C 69 -26.09 -2.10 1.51
CA GLY C 69 -27.34 -2.82 1.59
C GLY C 69 -28.54 -1.93 1.35
N THR C 70 -29.65 -2.56 0.98
CA THR C 70 -30.90 -1.82 0.86
C THR C 70 -31.51 -1.49 2.21
N ASP C 71 -31.02 -2.10 3.29
CA ASP C 71 -31.39 -1.70 4.64
C ASP C 71 -30.57 -0.51 5.13
N SER C 72 -29.63 -0.03 4.32
CA SER C 72 -28.79 1.15 4.58
C SER C 72 -27.92 0.99 5.83
N ARG C 73 -27.69 -0.24 6.24
CA ARG C 73 -26.87 -0.55 7.42
C ARG C 73 -25.79 -1.55 7.12
N LEU C 74 -26.07 -2.57 6.31
CA LEU C 74 -25.11 -3.61 6.00
C LEU C 74 -24.29 -3.24 4.78
N LEU C 75 -23.00 -3.51 4.85
CA LEU C 75 -22.05 -3.24 3.78
C LEU C 75 -21.42 -4.53 3.32
N VAL C 76 -20.77 -4.46 2.15
CA VAL C 76 -19.86 -5.50 1.69
C VAL C 76 -18.68 -4.79 1.03
N SER C 77 -17.48 -5.30 1.28
CA SER C 77 -16.28 -4.71 0.70
C SER C 77 -15.36 -5.81 0.19
N ALA C 78 -14.65 -5.49 -0.88
CA ALA C 78 -13.71 -6.41 -1.51
C ALA C 78 -12.32 -5.79 -1.49
N SER C 79 -11.32 -6.60 -1.12
CA SER C 79 -9.94 -6.17 -1.15
C SER C 79 -9.10 -7.33 -1.67
N GLN C 80 -7.85 -7.02 -2.06
CA GLN C 80 -6.94 -8.02 -2.62
C GLN C 80 -6.43 -9.03 -1.58
N ASP C 81 -6.92 -8.99 -0.34
CA ASP C 81 -6.69 -10.07 0.62
C ASP C 81 -7.32 -11.38 0.18
N GLY C 82 -8.33 -11.33 -0.69
CA GLY C 82 -9.16 -12.49 -0.92
C GLY C 82 -10.27 -12.62 0.09
N LYS C 83 -10.70 -11.52 0.68
CA LYS C 83 -11.72 -11.52 1.72
C LYS C 83 -12.84 -10.56 1.34
N LEU C 84 -14.06 -11.07 1.37
CA LEU C 84 -15.26 -10.24 1.31
C LEU C 84 -15.78 -10.08 2.73
N ILE C 85 -15.59 -8.90 3.31
CA ILE C 85 -16.06 -8.62 4.67
C ILE C 85 -17.40 -7.92 4.58
N ILE C 86 -18.38 -8.43 5.31
CA ILE C 86 -19.69 -7.80 5.43
C ILE C 86 -19.72 -7.04 6.75
N TRP C 87 -19.98 -5.75 6.67
CA TRP C 87 -19.86 -4.85 7.82
C TRP C 87 -21.22 -4.44 8.33
N ASP C 88 -21.37 -4.40 9.64
CA ASP C 88 -22.45 -3.68 10.30
C ASP C 88 -21.94 -2.26 10.51
N SER C 89 -22.35 -1.34 9.63
CA SER C 89 -21.80 0.00 9.65
C SER C 89 -22.24 0.81 10.87
N TYR C 90 -23.36 0.43 11.50
CA TYR C 90 -23.84 1.17 12.67
C TYR C 90 -22.92 0.94 13.86
N THR C 91 -22.44 -0.29 14.03
CA THR C 91 -21.68 -0.69 15.21
C THR C 91 -20.22 -1.00 14.92
N THR C 92 -19.80 -0.90 13.65
CA THR C 92 -18.47 -1.30 13.17
C THR C 92 -18.19 -2.75 13.58
N ASN C 93 -19.07 -3.63 13.09
CA ASN C 93 -19.02 -5.05 13.39
C ASN C 93 -18.95 -5.83 12.08
N LYS C 94 -18.10 -6.84 12.06
CA LYS C 94 -17.97 -7.71 10.89
C LYS C 94 -18.99 -8.83 10.98
N VAL C 95 -20.03 -8.74 10.16
CA VAL C 95 -21.06 -9.78 10.16
C VAL C 95 -20.52 -11.06 9.54
N HIS C 96 -19.82 -10.94 8.40
CA HIS C 96 -19.26 -12.08 7.71
C HIS C 96 -17.88 -11.73 7.17
N ALA C 97 -17.04 -12.75 7.02
CA ALA C 97 -15.78 -12.65 6.29
C ALA C 97 -15.73 -13.83 5.33
N ILE C 98 -15.78 -13.54 4.04
CA ILE C 98 -15.91 -14.57 3.01
C ILE C 98 -14.55 -14.76 2.35
N PRO C 99 -13.86 -15.88 2.56
CA PRO C 99 -12.61 -16.12 1.82
C PRO C 99 -12.91 -16.45 0.37
N LEU C 100 -12.18 -15.81 -0.53
CA LEU C 100 -12.39 -15.95 -1.97
C LEU C 100 -11.39 -16.92 -2.56
N ARG C 101 -11.85 -17.66 -3.58
CA ARG C 101 -10.96 -18.57 -4.29
C ARG C 101 -9.89 -17.79 -5.06
N SER C 102 -10.25 -16.67 -5.65
CA SER C 102 -9.32 -15.77 -6.32
C SER C 102 -9.23 -14.49 -5.53
N SER C 103 -8.02 -14.10 -5.15
CA SER C 103 -7.82 -12.89 -4.34
C SER C 103 -7.79 -11.62 -5.18
N TRP C 104 -7.83 -11.74 -6.50
CA TRP C 104 -7.72 -10.57 -7.38
C TRP C 104 -9.12 -10.03 -7.72
N VAL C 105 -9.85 -9.72 -6.68
CA VAL C 105 -11.22 -9.25 -6.82
C VAL C 105 -11.22 -7.75 -7.07
N MET C 106 -12.02 -7.32 -8.04
CA MET C 106 -12.13 -5.91 -8.39
C MET C 106 -13.54 -5.38 -8.34
N THR C 107 -14.53 -6.21 -8.02
CA THR C 107 -15.90 -5.76 -7.90
C THR C 107 -16.61 -6.60 -6.85
N CYS C 108 -17.65 -6.01 -6.26
CA CYS C 108 -18.52 -6.74 -5.37
C CYS C 108 -19.89 -6.09 -5.37
N ALA C 109 -20.93 -6.91 -5.21
CA ALA C 109 -22.29 -6.45 -5.19
C ALA C 109 -23.03 -7.14 -4.04
N TYR C 110 -24.07 -6.48 -3.56
CA TYR C 110 -24.88 -7.00 -2.47
C TYR C 110 -26.31 -7.06 -2.98
N ALA C 111 -26.98 -8.18 -2.76
CA ALA C 111 -28.31 -8.37 -3.32
C ALA C 111 -29.33 -7.44 -2.65
N PRO C 112 -30.31 -6.95 -3.41
CA PRO C 112 -31.35 -6.09 -2.80
C PRO C 112 -32.15 -6.78 -1.72
N SER C 113 -32.37 -8.09 -1.84
CA SER C 113 -33.01 -8.83 -0.76
C SER C 113 -32.07 -9.05 0.42
N GLY C 114 -30.76 -8.86 0.22
CA GLY C 114 -29.79 -9.11 1.24
C GLY C 114 -29.36 -10.55 1.36
N ASN C 115 -29.87 -11.43 0.51
CA ASN C 115 -29.61 -12.86 0.61
C ASN C 115 -28.27 -13.27 -0.01
N TYR C 116 -27.75 -12.48 -0.95
CA TYR C 116 -26.61 -12.91 -1.74
C TYR C 116 -25.58 -11.79 -1.85
N VAL C 117 -24.33 -12.20 -2.10
CA VAL C 117 -23.23 -11.29 -2.40
C VAL C 117 -22.49 -11.85 -3.61
N ALA C 118 -22.27 -11.00 -4.61
CA ALA C 118 -21.45 -11.36 -5.76
C ALA C 118 -20.10 -10.65 -5.68
N CYS C 119 -19.12 -11.24 -6.34
CA CYS C 119 -17.83 -10.59 -6.52
C CYS C 119 -17.16 -11.17 -7.76
N GLY C 120 -16.16 -10.46 -8.26
CA GLY C 120 -15.45 -10.91 -9.44
C GLY C 120 -14.19 -10.09 -9.63
N GLY C 121 -13.38 -10.53 -10.58
CA GLY C 121 -12.11 -9.88 -10.83
C GLY C 121 -11.32 -10.48 -11.96
N LEU C 122 -10.02 -10.71 -11.72
CA LEU C 122 -9.12 -11.21 -12.74
C LEU C 122 -9.35 -12.68 -13.08
N ASP C 123 -10.16 -13.40 -12.30
CA ASP C 123 -10.50 -14.78 -12.60
C ASP C 123 -11.60 -14.91 -13.64
N ASN C 124 -12.15 -13.78 -14.11
CA ASN C 124 -13.20 -13.69 -15.12
C ASN C 124 -14.50 -14.35 -14.69
N ILE C 125 -14.72 -14.49 -13.39
CA ILE C 125 -15.83 -15.26 -12.84
C ILE C 125 -16.57 -14.41 -11.82
N CYS C 126 -17.89 -14.33 -11.96
CA CYS C 126 -18.75 -13.75 -10.93
C CYS C 126 -19.20 -14.86 -10.00
N SER C 127 -18.74 -14.82 -8.75
CA SER C 127 -19.07 -15.83 -7.76
C SER C 127 -20.20 -15.32 -6.87
N ILE C 128 -21.31 -16.04 -6.85
CA ILE C 128 -22.45 -15.71 -6.01
C ILE C 128 -22.32 -16.44 -4.69
N TYR C 129 -22.48 -15.72 -3.59
CA TYR C 129 -22.33 -16.27 -2.25
C TYR C 129 -23.67 -16.21 -1.53
N ASN C 130 -24.13 -17.35 -1.03
CA ASN C 130 -25.37 -17.43 -0.27
C ASN C 130 -25.08 -17.04 1.16
N LEU C 131 -25.58 -15.87 1.58
CA LEU C 131 -25.32 -15.40 2.93
C LEU C 131 -26.14 -16.15 3.96
N LYS C 132 -27.43 -16.37 3.68
CA LYS C 132 -28.35 -16.93 4.65
C LYS C 132 -28.57 -18.40 4.31
N THR C 133 -27.64 -19.23 4.77
CA THR C 133 -27.68 -20.67 4.58
C THR C 133 -28.17 -21.36 5.84
N ARG C 134 -28.65 -22.59 5.66
CA ARG C 134 -29.08 -23.39 6.80
C ARG C 134 -27.88 -23.83 7.64
N GLU C 135 -26.72 -24.01 7.01
CA GLU C 135 -25.51 -24.44 7.70
C GLU C 135 -24.89 -23.33 8.54
N GLY C 136 -25.31 -22.08 8.36
CA GLY C 136 -24.78 -20.98 9.13
C GLY C 136 -23.50 -20.37 8.63
N ASN C 137 -22.98 -20.83 7.51
CA ASN C 137 -21.80 -20.25 6.88
C ASN C 137 -22.17 -19.65 5.53
N VAL C 138 -21.26 -18.83 5.00
CA VAL C 138 -21.43 -18.25 3.68
C VAL C 138 -20.70 -19.13 2.69
N ARG C 139 -21.45 -19.80 1.83
CA ARG C 139 -20.91 -20.69 0.81
C ARG C 139 -21.19 -20.13 -0.58
N VAL C 140 -20.42 -20.61 -1.55
CA VAL C 140 -20.60 -20.19 -2.93
C VAL C 140 -21.91 -20.77 -3.45
N SER C 141 -22.82 -19.90 -3.88
CA SER C 141 -24.06 -20.33 -4.51
C SER C 141 -23.72 -20.97 -5.85
N ARG C 142 -23.10 -20.19 -6.73
CA ARG C 142 -22.48 -20.73 -7.93
C ARG C 142 -21.46 -19.74 -8.46
N GLU C 143 -20.63 -20.21 -9.39
CA GLU C 143 -19.64 -19.40 -10.07
C GLU C 143 -20.08 -19.20 -11.51
N LEU C 144 -20.26 -17.94 -11.90
CA LEU C 144 -20.72 -17.61 -13.26
C LEU C 144 -19.49 -17.42 -14.15
N ALA C 145 -19.33 -18.33 -15.12
CA ALA C 145 -18.20 -18.30 -16.03
C ALA C 145 -18.69 -18.11 -17.46
N GLY C 146 -17.85 -17.51 -18.29
CA GLY C 146 -18.21 -17.21 -19.66
C GLY C 146 -17.60 -15.93 -20.17
N HIS C 147 -17.16 -15.06 -19.26
CA HIS C 147 -16.42 -13.87 -19.66
C HIS C 147 -14.98 -14.23 -19.98
N THR C 148 -14.48 -13.68 -21.08
CA THR C 148 -13.10 -13.91 -21.49
C THR C 148 -12.16 -12.79 -21.03
N GLY C 149 -12.67 -11.79 -20.32
CA GLY C 149 -11.85 -10.75 -19.75
C GLY C 149 -12.15 -10.60 -18.27
N TYR C 150 -11.35 -9.75 -17.62
CA TYR C 150 -11.53 -9.48 -16.20
C TYR C 150 -12.89 -8.87 -15.95
N LEU C 151 -13.56 -9.33 -14.90
CA LEU C 151 -14.93 -8.91 -14.62
C LEU C 151 -14.85 -7.69 -13.71
N SER C 152 -15.24 -6.53 -14.23
CA SER C 152 -14.96 -5.25 -13.60
C SER C 152 -16.11 -4.73 -12.74
N CYS C 153 -17.35 -5.13 -13.01
CA CYS C 153 -18.46 -4.70 -12.19
C CYS C 153 -19.58 -5.73 -12.30
N CYS C 154 -20.35 -5.86 -11.22
CA CYS C 154 -21.52 -6.73 -11.18
C CYS C 154 -22.61 -6.03 -10.39
N ARG C 155 -23.86 -6.24 -10.80
CA ARG C 155 -25.00 -5.60 -10.14
C ARG C 155 -26.18 -6.56 -10.14
N PHE C 156 -26.75 -6.79 -8.96
CA PHE C 156 -27.90 -7.66 -8.82
C PHE C 156 -29.17 -6.95 -9.28
N LEU C 157 -29.96 -7.62 -10.11
CA LEU C 157 -31.32 -7.16 -10.37
C LEU C 157 -32.28 -7.71 -9.34
N ASP C 158 -32.22 -9.01 -9.09
CA ASP C 158 -32.95 -9.69 -8.04
C ASP C 158 -32.11 -10.86 -7.57
N ASP C 159 -32.73 -11.82 -6.88
CA ASP C 159 -31.99 -12.98 -6.40
C ASP C 159 -31.57 -13.92 -7.52
N ASN C 160 -32.16 -13.79 -8.71
CA ASN C 160 -31.87 -14.68 -9.81
C ASN C 160 -31.28 -14.01 -11.04
N GLN C 161 -31.34 -12.69 -11.14
CA GLN C 161 -30.82 -11.95 -12.27
C GLN C 161 -29.65 -11.08 -11.82
N ILE C 162 -28.60 -11.06 -12.62
CA ILE C 162 -27.44 -10.21 -12.34
C ILE C 162 -26.80 -9.80 -13.66
N VAL C 163 -26.46 -8.51 -13.77
CA VAL C 163 -25.71 -7.99 -14.90
C VAL C 163 -24.26 -7.81 -14.46
N THR C 164 -23.34 -8.36 -15.23
CA THR C 164 -21.91 -8.28 -14.93
C THR C 164 -21.19 -7.55 -16.04
N SER C 165 -20.53 -6.45 -15.67
CA SER C 165 -19.57 -5.80 -16.56
C SER C 165 -18.27 -6.58 -16.58
N SER C 166 -17.54 -6.48 -17.68
CA SER C 166 -16.29 -7.20 -17.80
C SER C 166 -15.35 -6.49 -18.75
N GLY C 167 -14.08 -6.88 -18.68
CA GLY C 167 -13.00 -6.39 -19.50
C GLY C 167 -12.83 -7.06 -20.83
N ASP C 168 -13.80 -7.85 -21.28
CA ASP C 168 -13.81 -8.39 -22.63
C ASP C 168 -14.66 -7.56 -23.58
N THR C 169 -14.80 -6.25 -23.30
CA THR C 169 -15.62 -5.31 -24.06
C THR C 169 -17.07 -5.82 -24.19
N THR C 170 -17.60 -6.36 -23.10
CA THR C 170 -18.89 -7.03 -23.14
C THR C 170 -19.54 -6.99 -21.76
N CYS C 171 -20.80 -6.53 -21.71
CA CYS C 171 -21.65 -6.70 -20.54
C CYS C 171 -22.52 -7.93 -20.73
N ALA C 172 -22.90 -8.55 -19.62
CA ALA C 172 -23.59 -9.82 -19.67
C ALA C 172 -24.64 -9.92 -18.57
N LEU C 173 -25.81 -10.43 -18.91
CA LEU C 173 -26.88 -10.69 -17.96
C LEU C 173 -27.00 -12.19 -17.72
N TRP C 174 -27.02 -12.59 -16.46
CA TRP C 174 -26.92 -13.99 -16.08
C TRP C 174 -28.21 -14.46 -15.41
N ASP C 175 -28.45 -15.77 -15.50
CA ASP C 175 -29.50 -16.45 -14.75
C ASP C 175 -28.81 -17.29 -13.68
N ILE C 176 -28.99 -16.92 -12.41
CA ILE C 176 -28.27 -17.59 -11.33
C ILE C 176 -28.88 -18.96 -11.05
N GLU C 177 -30.14 -19.19 -11.45
CA GLU C 177 -30.72 -20.51 -11.27
C GLU C 177 -30.03 -21.55 -12.15
N THR C 178 -29.69 -21.17 -13.39
CA THR C 178 -29.07 -22.10 -14.33
C THR C 178 -27.57 -21.84 -14.50
N GLY C 179 -27.07 -20.67 -14.15
CA GLY C 179 -25.69 -20.35 -14.38
C GLY C 179 -25.33 -20.05 -15.80
N GLN C 180 -26.31 -19.83 -16.67
CA GLN C 180 -26.09 -19.69 -18.09
C GLN C 180 -26.11 -18.22 -18.52
N GLN C 181 -25.49 -17.96 -19.67
CA GLN C 181 -25.42 -16.63 -20.27
C GLN C 181 -26.77 -16.30 -20.89
N THR C 182 -27.61 -15.59 -20.13
CA THR C 182 -28.95 -15.26 -20.62
C THR C 182 -28.89 -14.23 -21.73
N THR C 183 -28.23 -13.10 -21.49
CA THR C 183 -28.19 -11.99 -22.43
C THR C 183 -26.78 -11.43 -22.51
N THR C 184 -26.27 -11.22 -23.71
CA THR C 184 -24.95 -10.66 -23.95
C THR C 184 -25.10 -9.27 -24.55
N PHE C 185 -24.49 -8.28 -23.93
CA PHE C 185 -24.53 -6.90 -24.39
C PHE C 185 -23.19 -6.57 -25.03
N THR C 186 -23.20 -6.32 -26.34
CA THR C 186 -21.98 -6.06 -27.10
C THR C 186 -22.11 -4.75 -27.87
N GLY C 187 -20.97 -4.13 -28.14
CA GLY C 187 -20.95 -2.87 -28.85
C GLY C 187 -19.85 -1.94 -28.37
N HIS C 188 -19.38 -2.17 -27.15
CA HIS C 188 -18.27 -1.37 -26.63
C HIS C 188 -16.96 -1.77 -27.29
N THR C 189 -16.12 -0.76 -27.55
CA THR C 189 -14.83 -0.99 -28.18
C THR C 189 -13.74 -1.29 -27.16
N GLY C 190 -13.68 -0.50 -26.08
CA GLY C 190 -12.75 -0.74 -25.00
C GLY C 190 -13.35 -1.61 -23.91
N ASP C 191 -12.53 -1.91 -22.92
CA ASP C 191 -12.96 -2.76 -21.81
C ASP C 191 -13.96 -2.02 -20.93
N VAL C 192 -15.05 -2.67 -20.59
CA VAL C 192 -16.11 -2.03 -19.84
C VAL C 192 -15.73 -2.04 -18.37
N MET C 193 -15.59 -0.86 -17.78
CA MET C 193 -15.03 -0.72 -16.45
C MET C 193 -16.06 -0.46 -15.36
N SER C 194 -17.25 0.05 -15.70
CA SER C 194 -18.23 0.40 -14.70
C SER C 194 -19.61 -0.04 -15.16
N LEU C 195 -20.57 0.07 -14.24
CA LEU C 195 -21.90 -0.45 -14.46
C LEU C 195 -22.84 0.19 -13.46
N SER C 196 -24.06 0.47 -13.90
CA SER C 196 -25.05 1.10 -13.03
C SER C 196 -26.45 0.73 -13.50
N LEU C 197 -27.26 0.23 -12.57
CA LEU C 197 -28.63 -0.17 -12.87
C LEU C 197 -29.60 0.98 -12.61
N ALA C 198 -30.63 1.05 -13.45
CA ALA C 198 -31.71 2.01 -13.25
C ALA C 198 -32.52 1.62 -12.01
N PRO C 199 -33.19 2.60 -11.39
CA PRO C 199 -34.02 2.27 -10.21
C PRO C 199 -35.14 1.28 -10.48
N ASP C 200 -35.72 1.27 -11.67
CA ASP C 200 -36.73 0.29 -12.02
C ASP C 200 -36.13 -1.00 -12.60
N THR C 201 -34.79 -1.04 -12.76
CA THR C 201 -34.05 -2.17 -13.34
C THR C 201 -34.56 -2.56 -14.72
N ARG C 202 -35.05 -1.56 -15.48
CA ARG C 202 -35.47 -1.75 -16.86
C ARG C 202 -34.32 -1.51 -17.83
N LEU C 203 -33.48 -0.52 -17.55
CA LEU C 203 -32.32 -0.17 -18.34
C LEU C 203 -31.09 -0.19 -17.43
N PHE C 204 -29.91 -0.10 -18.06
CA PHE C 204 -28.67 0.12 -17.32
C PHE C 204 -27.66 0.76 -18.24
N VAL C 205 -26.72 1.49 -17.65
CA VAL C 205 -25.65 2.15 -18.38
C VAL C 205 -24.33 1.50 -18.03
N SER C 206 -23.39 1.57 -18.96
CA SER C 206 -22.06 1.02 -18.77
C SER C 206 -21.03 1.97 -19.34
N GLY C 207 -19.98 2.23 -18.58
CA GLY C 207 -18.87 3.04 -19.02
C GLY C 207 -17.66 2.16 -19.31
N ALA C 208 -17.02 2.41 -20.46
CA ALA C 208 -15.94 1.56 -20.93
C ALA C 208 -14.70 2.40 -21.20
N CYS C 209 -13.67 1.75 -21.73
CA CYS C 209 -12.39 2.37 -22.03
C CYS C 209 -12.33 2.98 -23.42
N ASP C 210 -13.43 2.96 -24.16
CA ASP C 210 -13.50 3.67 -25.44
C ASP C 210 -13.99 5.10 -25.29
N ALA C 211 -13.91 5.66 -24.07
CA ALA C 211 -14.37 7.01 -23.73
C ALA C 211 -15.85 7.19 -24.10
N SER C 212 -16.64 6.14 -23.86
CA SER C 212 -18.04 6.13 -24.27
C SER C 212 -18.88 5.47 -23.19
N ALA C 213 -20.15 5.88 -23.13
CA ALA C 213 -21.13 5.27 -22.25
C ALA C 213 -22.32 4.83 -23.09
N LYS C 214 -22.82 3.63 -22.83
CA LYS C 214 -23.91 3.05 -23.59
C LYS C 214 -25.07 2.70 -22.68
N LEU C 215 -26.28 3.02 -23.14
CA LEU C 215 -27.51 2.69 -22.42
C LEU C 215 -28.11 1.44 -23.04
N TRP C 216 -28.19 0.38 -22.25
CA TRP C 216 -28.72 -0.90 -22.70
C TRP C 216 -30.10 -1.13 -22.10
N ASP C 217 -30.86 -1.99 -22.77
CA ASP C 217 -32.14 -2.47 -22.25
C ASP C 217 -31.98 -3.94 -21.87
N VAL C 218 -32.41 -4.29 -20.66
CA VAL C 218 -32.20 -5.64 -20.15
C VAL C 218 -33.02 -6.65 -20.95
N ARG C 219 -34.28 -6.33 -21.21
CA ARG C 219 -35.21 -7.31 -21.77
C ARG C 219 -35.10 -7.44 -23.29
N GLU C 220 -34.41 -6.53 -23.97
CA GLU C 220 -34.13 -6.68 -25.39
C GLU C 220 -32.67 -6.95 -25.70
N GLY C 221 -31.76 -6.61 -24.79
CA GLY C 221 -30.35 -6.94 -24.94
C GLY C 221 -29.62 -6.25 -26.07
N MET C 222 -29.92 -4.99 -26.32
CA MET C 222 -29.25 -4.26 -27.38
C MET C 222 -29.26 -2.77 -27.03
N CYS C 223 -28.21 -2.08 -27.48
CA CYS C 223 -27.93 -0.72 -27.01
C CYS C 223 -28.94 0.27 -27.55
N ARG C 224 -29.51 1.08 -26.66
CA ARG C 224 -30.43 2.13 -27.07
C ARG C 224 -29.67 3.37 -27.52
N GLN C 225 -28.91 3.98 -26.62
CA GLN C 225 -28.18 5.21 -26.90
C GLN C 225 -26.72 5.07 -26.51
N THR C 226 -25.87 5.81 -27.22
CA THR C 226 -24.44 5.86 -26.93
C THR C 226 -24.08 7.29 -26.57
N PHE C 227 -23.38 7.46 -25.45
CA PHE C 227 -23.04 8.78 -24.93
C PHE C 227 -21.53 8.95 -24.98
N THR C 228 -21.09 10.02 -25.64
CA THR C 228 -19.67 10.33 -25.79
C THR C 228 -19.39 11.71 -25.21
N GLY C 229 -18.11 12.05 -25.14
CA GLY C 229 -17.69 13.34 -24.62
C GLY C 229 -16.45 13.26 -23.76
N HIS C 230 -16.22 12.11 -23.16
CA HIS C 230 -15.02 11.92 -22.35
C HIS C 230 -13.78 11.80 -23.23
N GLU C 231 -12.63 12.12 -22.65
CA GLU C 231 -11.36 12.06 -23.35
C GLU C 231 -10.48 10.91 -22.91
N SER C 232 -10.91 10.11 -21.95
CA SER C 232 -10.10 9.02 -21.43
C SER C 232 -11.00 7.88 -20.99
N ASP C 233 -10.44 6.94 -20.23
CA ASP C 233 -11.13 5.71 -19.87
C ASP C 233 -12.14 5.99 -18.77
N ILE C 234 -13.42 5.70 -19.03
CA ILE C 234 -14.47 5.87 -18.03
C ILE C 234 -14.35 4.74 -17.01
N ASN C 235 -14.19 5.11 -15.73
CA ASN C 235 -14.04 4.13 -14.67
C ASN C 235 -15.23 4.08 -13.72
N ALA C 236 -16.16 5.02 -13.80
CA ALA C 236 -17.27 5.11 -12.88
C ALA C 236 -18.51 5.60 -13.61
N ILE C 237 -19.68 5.13 -13.18
CA ILE C 237 -20.95 5.53 -13.75
C ILE C 237 -22.04 5.30 -12.70
N CYS C 238 -23.07 6.14 -12.73
CA CYS C 238 -24.13 6.09 -11.72
C CYS C 238 -25.34 6.86 -12.23
N PHE C 239 -26.53 6.26 -12.14
CA PHE C 239 -27.75 6.96 -12.51
C PHE C 239 -28.10 8.08 -11.54
N PHE C 240 -28.77 9.10 -12.07
CA PHE C 240 -29.49 10.05 -11.26
C PHE C 240 -30.66 9.31 -10.61
N PRO C 241 -31.10 9.72 -9.41
CA PRO C 241 -32.09 8.92 -8.67
C PRO C 241 -33.44 8.74 -9.34
N ASN C 242 -33.83 9.58 -10.30
CA ASN C 242 -35.09 9.31 -10.98
C ASN C 242 -34.93 8.35 -12.16
N GLY C 243 -33.69 8.02 -12.53
CA GLY C 243 -33.43 7.12 -13.63
C GLY C 243 -33.47 7.74 -15.01
N ASN C 244 -33.63 9.06 -15.10
CA ASN C 244 -33.68 9.75 -16.39
C ASN C 244 -32.36 10.42 -16.73
N ALA C 245 -31.33 10.25 -15.92
CA ALA C 245 -30.02 10.85 -16.16
C ALA C 245 -28.97 10.02 -15.45
N PHE C 246 -27.71 10.24 -15.83
CA PHE C 246 -26.61 9.54 -15.17
C PHE C 246 -25.34 10.39 -15.28
N ALA C 247 -24.39 10.09 -14.41
CA ALA C 247 -23.11 10.78 -14.39
C ALA C 247 -21.98 9.77 -14.51
N THR C 248 -20.91 10.17 -15.19
CA THR C 248 -19.75 9.33 -15.42
C THR C 248 -18.51 9.94 -14.78
N GLY C 249 -17.48 9.12 -14.61
CA GLY C 249 -16.20 9.57 -14.13
C GLY C 249 -15.07 8.87 -14.84
N SER C 250 -14.07 9.61 -15.31
CA SER C 250 -13.05 9.02 -16.15
C SER C 250 -11.68 9.51 -15.70
N ASP C 251 -10.66 9.23 -16.51
CA ASP C 251 -9.27 9.52 -16.19
C ASP C 251 -8.83 10.92 -16.58
N ASP C 252 -9.70 11.71 -17.22
CA ASP C 252 -9.35 13.07 -17.59
C ASP C 252 -9.77 14.09 -16.54
N ALA C 253 -10.05 13.64 -15.31
CA ALA C 253 -10.41 14.47 -14.17
C ALA C 253 -11.69 15.28 -14.40
N THR C 254 -12.59 14.77 -15.24
CA THR C 254 -13.86 15.40 -15.49
C THR C 254 -14.99 14.42 -15.23
N CYS C 255 -16.01 14.88 -14.52
CA CYS C 255 -17.28 14.16 -14.41
C CYS C 255 -18.28 14.83 -15.35
N ARG C 256 -18.92 14.04 -16.19
CA ARG C 256 -19.94 14.53 -17.11
C ARG C 256 -21.31 14.00 -16.70
N LEU C 257 -22.32 14.83 -16.81
CA LEU C 257 -23.70 14.44 -16.57
C LEU C 257 -24.42 14.31 -17.90
N PHE C 258 -25.04 13.15 -18.12
CA PHE C 258 -25.77 12.86 -19.34
C PHE C 258 -27.24 12.63 -19.02
N ASP C 259 -28.10 13.01 -19.96
CA ASP C 259 -29.54 12.79 -19.85
C ASP C 259 -29.97 11.75 -20.87
N LEU C 260 -30.88 10.86 -20.46
CA LEU C 260 -31.35 9.83 -21.37
C LEU C 260 -32.31 10.39 -22.41
N ARG C 261 -33.21 11.28 -22.01
CA ARG C 261 -34.18 11.82 -22.97
C ARG C 261 -33.55 12.81 -23.92
N ALA C 262 -32.70 13.71 -23.41
CA ALA C 262 -32.05 14.69 -24.27
C ALA C 262 -30.95 14.06 -25.11
N ASP C 263 -30.35 12.98 -24.62
CA ASP C 263 -29.27 12.22 -25.27
C ASP C 263 -28.11 13.18 -25.55
N GLN C 264 -27.69 13.87 -24.48
CA GLN C 264 -26.65 14.88 -24.55
C GLN C 264 -25.88 14.89 -23.25
N GLU C 265 -24.69 15.50 -23.29
CA GLU C 265 -23.98 15.87 -22.07
C GLU C 265 -24.46 17.23 -21.61
N LEU C 266 -24.84 17.34 -20.34
CA LEU C 266 -25.38 18.57 -19.78
C LEU C 266 -24.33 19.42 -19.08
N MET C 267 -23.49 18.82 -18.25
CA MET C 267 -22.57 19.62 -17.45
C MET C 267 -21.33 18.81 -17.09
N THR C 268 -20.19 19.47 -17.18
CA THR C 268 -18.90 18.89 -16.82
C THR C 268 -18.52 19.34 -15.42
N TYR C 269 -18.17 18.40 -14.56
CA TYR C 269 -17.75 18.66 -13.19
C TYR C 269 -16.24 18.50 -13.13
N SER C 270 -15.52 19.57 -13.44
CA SER C 270 -14.07 19.55 -13.50
C SER C 270 -13.51 20.80 -12.85
N HIS C 271 -12.28 20.70 -12.35
CA HIS C 271 -11.56 21.82 -11.78
C HIS C 271 -10.14 21.83 -12.30
N ASP C 272 -9.52 23.01 -12.31
CA ASP C 272 -8.15 23.14 -12.77
C ASP C 272 -7.17 22.49 -11.82
N ASN C 273 -7.45 22.50 -10.52
CA ASN C 273 -6.56 21.92 -9.53
C ASN C 273 -6.70 20.40 -9.44
N ILE C 274 -7.64 19.80 -10.15
CA ILE C 274 -7.83 18.35 -10.18
C ILE C 274 -7.35 17.85 -11.54
N ILE C 275 -6.30 17.04 -11.53
CA ILE C 275 -5.75 16.47 -12.75
C ILE C 275 -5.75 14.95 -12.74
N CYS C 276 -6.01 14.30 -11.62
CA CYS C 276 -5.96 12.86 -11.51
C CYS C 276 -7.29 12.24 -11.90
N GLY C 277 -7.27 10.94 -12.16
CA GLY C 277 -8.45 10.25 -12.63
C GLY C 277 -9.50 10.06 -11.54
N ILE C 278 -10.66 9.59 -11.97
CA ILE C 278 -11.82 9.39 -11.10
C ILE C 278 -12.11 7.91 -11.06
N THR C 279 -12.12 7.33 -9.86
CA THR C 279 -12.38 5.91 -9.67
C THR C 279 -13.85 5.60 -9.45
N SER C 280 -14.52 6.40 -8.62
CA SER C 280 -15.89 6.11 -8.21
C SER C 280 -16.74 7.36 -8.34
N VAL C 281 -18.01 7.17 -8.70
CA VAL C 281 -18.99 8.24 -8.83
C VAL C 281 -20.29 7.77 -8.21
N SER C 282 -20.84 8.57 -7.31
CA SER C 282 -22.11 8.24 -6.67
C SER C 282 -22.93 9.51 -6.48
N PHE C 283 -24.24 9.34 -6.43
CA PHE C 283 -25.18 10.44 -6.26
C PHE C 283 -25.78 10.40 -4.86
N SER C 284 -26.23 11.56 -4.40
CA SER C 284 -26.98 11.64 -3.16
C SER C 284 -28.42 11.17 -3.39
N LYS C 285 -29.23 11.24 -2.33
CA LYS C 285 -30.61 10.75 -2.44
C LYS C 285 -31.45 11.63 -3.35
N SER C 286 -31.31 12.95 -3.23
CA SER C 286 -32.03 13.86 -4.13
C SER C 286 -31.31 14.06 -5.45
N GLY C 287 -30.05 13.66 -5.55
CA GLY C 287 -29.27 13.92 -6.74
C GLY C 287 -28.65 15.30 -6.80
N ARG C 288 -28.85 16.14 -5.78
CA ARG C 288 -28.28 17.48 -5.80
C ARG C 288 -26.78 17.45 -5.63
N LEU C 289 -26.27 16.52 -4.83
CA LEU C 289 -24.84 16.37 -4.61
C LEU C 289 -24.32 15.17 -5.40
N LEU C 290 -23.24 15.38 -6.14
CA LEU C 290 -22.54 14.31 -6.83
C LEU C 290 -21.21 14.07 -6.14
N LEU C 291 -21.01 12.85 -5.65
CA LEU C 291 -19.79 12.49 -4.94
C LEU C 291 -18.90 11.67 -5.86
N ALA C 292 -17.66 12.10 -6.01
CA ALA C 292 -16.71 11.45 -6.91
C ALA C 292 -15.41 11.18 -6.16
N GLY C 293 -14.92 9.95 -6.25
CA GLY C 293 -13.65 9.57 -5.65
C GLY C 293 -12.54 9.64 -6.68
N TYR C 294 -11.45 10.28 -6.31
CA TYR C 294 -10.36 10.60 -7.23
C TYR C 294 -9.10 9.86 -6.81
N ASP C 295 -8.04 10.02 -7.62
CA ASP C 295 -6.76 9.39 -7.33
C ASP C 295 -5.87 10.23 -6.43
N ASP C 296 -6.22 11.49 -6.15
CA ASP C 296 -5.45 12.33 -5.25
C ASP C 296 -5.88 12.17 -3.79
N PHE C 297 -6.42 10.99 -3.45
CA PHE C 297 -6.62 10.42 -2.12
C PHE C 297 -7.84 10.97 -1.40
N ASN C 298 -8.71 11.73 -2.07
CA ASN C 298 -9.88 12.26 -1.39
C ASN C 298 -11.07 12.31 -2.33
N CYS C 299 -12.26 12.40 -1.73
CA CYS C 299 -13.53 12.48 -2.46
C CYS C 299 -13.99 13.93 -2.48
N ASN C 300 -14.40 14.40 -3.66
CA ASN C 300 -14.87 15.77 -3.83
C ASN C 300 -16.37 15.74 -4.07
N VAL C 301 -17.11 16.43 -3.20
CA VAL C 301 -18.55 16.57 -3.37
C VAL C 301 -18.82 17.68 -4.37
N TRP C 302 -19.60 17.38 -5.39
CA TRP C 302 -19.91 18.32 -6.46
C TRP C 302 -21.37 18.71 -6.41
N ASP C 303 -21.64 20.00 -6.59
CA ASP C 303 -22.99 20.46 -6.86
C ASP C 303 -23.36 19.92 -8.24
N ALA C 304 -24.20 18.89 -8.27
CA ALA C 304 -24.54 18.22 -9.52
C ALA C 304 -25.35 19.10 -10.45
N LEU C 305 -25.97 20.16 -9.92
CA LEU C 305 -26.72 21.09 -10.75
C LEU C 305 -25.92 22.33 -11.14
N LYS C 306 -24.83 22.64 -10.43
CA LYS C 306 -24.11 23.89 -10.64
C LYS C 306 -22.62 23.72 -10.95
N ALA C 307 -22.09 22.49 -10.92
CA ALA C 307 -20.66 22.20 -11.12
C ALA C 307 -19.78 22.98 -10.15
N ASP C 308 -20.19 23.04 -8.89
CA ASP C 308 -19.42 23.69 -7.85
C ASP C 308 -18.95 22.64 -6.84
N ARG C 309 -17.71 22.77 -6.40
CA ARG C 309 -17.15 21.86 -5.40
C ARG C 309 -17.83 22.14 -4.07
N ALA C 310 -18.83 21.33 -3.74
CA ALA C 310 -19.60 21.55 -2.51
C ALA C 310 -18.80 21.16 -1.27
N GLY C 311 -17.85 20.23 -1.40
CA GLY C 311 -17.07 19.82 -0.26
C GLY C 311 -16.03 18.81 -0.69
N VAL C 312 -15.07 18.58 0.22
CA VAL C 312 -13.98 17.64 0.01
C VAL C 312 -13.99 16.65 1.17
N LEU C 313 -13.97 15.36 0.84
CA LEU C 313 -13.94 14.29 1.83
C LEU C 313 -12.50 13.77 1.90
N ALA C 314 -11.67 14.44 2.69
CA ALA C 314 -10.28 14.09 2.84
C ALA C 314 -10.08 13.28 4.12
N GLY C 315 -9.08 12.41 4.10
CA GLY C 315 -8.83 11.54 5.24
C GLY C 315 -8.35 10.15 4.87
N HIS C 316 -8.22 9.87 3.57
CA HIS C 316 -7.68 8.61 3.10
C HIS C 316 -6.22 8.80 2.70
N ASP C 317 -5.37 7.89 3.13
CA ASP C 317 -3.94 7.98 2.82
C ASP C 317 -3.58 7.46 1.44
N ASN C 318 -4.49 6.75 0.78
CA ASN C 318 -4.24 6.24 -0.57
C ASN C 318 -5.45 6.55 -1.43
N ARG C 319 -5.43 6.03 -2.66
CA ARG C 319 -6.43 6.40 -3.66
C ARG C 319 -7.80 5.87 -3.28
N VAL C 320 -8.79 6.76 -3.29
CA VAL C 320 -10.18 6.38 -3.03
C VAL C 320 -10.68 5.58 -4.22
N SER C 321 -10.92 4.28 -4.03
CA SER C 321 -11.25 3.40 -5.13
C SER C 321 -12.73 3.16 -5.33
N CYS C 322 -13.54 3.28 -4.27
CA CYS C 322 -14.96 2.96 -4.37
C CYS C 322 -15.77 3.89 -3.49
N LEU C 323 -17.01 4.14 -3.91
CA LEU C 323 -17.93 5.04 -3.23
C LEU C 323 -19.29 4.37 -3.11
N GLY C 324 -20.07 4.84 -2.14
CA GLY C 324 -21.41 4.34 -1.98
C GLY C 324 -22.27 5.19 -1.07
N VAL C 325 -23.45 5.56 -1.54
CA VAL C 325 -24.43 6.28 -0.75
C VAL C 325 -25.56 5.31 -0.43
N THR C 326 -26.01 5.32 0.82
CA THR C 326 -27.08 4.44 1.27
C THR C 326 -28.40 4.80 0.58
N ASP C 327 -29.32 3.83 0.56
CA ASP C 327 -30.58 4.01 -0.13
C ASP C 327 -31.48 5.03 0.54
N ASP C 328 -31.30 5.30 1.83
CA ASP C 328 -32.00 6.38 2.49
C ASP C 328 -31.23 7.69 2.44
N GLY C 329 -30.07 7.70 1.76
CA GLY C 329 -29.26 8.90 1.62
C GLY C 329 -28.60 9.39 2.89
N MET C 330 -28.58 8.56 3.93
CA MET C 330 -28.15 9.04 5.25
C MET C 330 -26.63 9.23 5.29
N ALA C 331 -25.88 8.30 4.73
CA ALA C 331 -24.43 8.36 4.81
C ALA C 331 -23.82 8.01 3.46
N VAL C 332 -22.59 8.48 3.26
CA VAL C 332 -21.76 8.07 2.14
C VAL C 332 -20.54 7.35 2.70
N ALA C 333 -20.18 6.24 2.07
CA ALA C 333 -19.04 5.44 2.49
C ALA C 333 -17.98 5.44 1.40
N THR C 334 -16.76 5.76 1.77
CA THR C 334 -15.63 5.79 0.84
C THR C 334 -14.67 4.68 1.19
N GLY C 335 -14.31 3.87 0.21
CA GLY C 335 -13.27 2.87 0.33
C GLY C 335 -12.04 3.33 -0.42
N SER C 336 -10.88 2.84 -0.01
CA SER C 336 -9.64 3.33 -0.58
C SER C 336 -8.58 2.25 -0.55
N TRP C 337 -7.46 2.53 -1.21
CA TRP C 337 -6.35 1.60 -1.34
C TRP C 337 -5.53 1.45 -0.07
N ASP C 338 -5.78 2.28 0.95
CA ASP C 338 -5.10 2.17 2.23
C ASP C 338 -5.81 1.22 3.20
N SER C 339 -6.65 0.32 2.67
CA SER C 339 -7.29 -0.76 3.42
C SER C 339 -8.26 -0.26 4.49
N PHE C 340 -8.91 0.88 4.24
CA PHE C 340 -9.85 1.44 5.20
C PHE C 340 -11.14 1.84 4.50
N LEU C 341 -12.24 1.74 5.24
CA LEU C 341 -13.56 2.20 4.83
C LEU C 341 -14.01 3.25 5.84
N LYS C 342 -14.54 4.37 5.35
CA LYS C 342 -14.96 5.45 6.22
C LYS C 342 -16.39 5.84 5.92
N ILE C 343 -17.17 6.07 6.97
CA ILE C 343 -18.58 6.48 6.87
C ILE C 343 -18.65 7.97 7.16
N TRP C 344 -19.40 8.70 6.33
CA TRP C 344 -19.44 10.15 6.41
C TRP C 344 -20.87 10.66 6.54
N ASN C 345 -21.05 11.71 7.34
CA ASN C 345 -22.30 12.46 7.43
C ASN C 345 -22.04 13.95 7.54
N ASN D 4 -11.41 -11.76 -45.25
CA ASN D 4 -11.67 -10.44 -44.69
C ASN D 4 -13.08 -9.96 -45.04
N THR D 5 -13.91 -10.88 -45.53
CA THR D 5 -15.28 -10.57 -45.88
C THR D 5 -16.21 -10.53 -44.67
N ALA D 6 -15.74 -10.94 -43.49
CA ALA D 6 -16.57 -10.94 -42.31
C ALA D 6 -16.76 -9.54 -41.71
N SER D 7 -15.94 -8.57 -42.13
CA SER D 7 -16.09 -7.20 -41.63
C SER D 7 -17.33 -6.50 -42.19
N ILE D 8 -17.89 -7.01 -43.28
CA ILE D 8 -19.10 -6.41 -43.86
C ILE D 8 -20.28 -6.59 -42.91
N ALA D 9 -20.38 -7.76 -42.27
CA ALA D 9 -21.45 -7.98 -41.30
C ALA D 9 -21.29 -7.08 -40.08
N GLN D 10 -20.06 -6.87 -39.62
CA GLN D 10 -19.81 -5.96 -38.51
C GLN D 10 -20.16 -4.53 -38.88
N ALA D 11 -19.84 -4.11 -40.11
CA ALA D 11 -20.20 -2.78 -40.57
C ALA D 11 -21.71 -2.61 -40.69
N ARG D 12 -22.40 -3.65 -41.17
CA ARG D 12 -23.86 -3.61 -41.23
C ARG D 12 -24.48 -3.52 -39.85
N LYS D 13 -23.94 -4.26 -38.88
CA LYS D 13 -24.44 -4.17 -37.51
C LYS D 13 -24.19 -2.79 -36.92
N LEU D 14 -23.02 -2.21 -37.19
CA LEU D 14 -22.70 -0.87 -36.69
C LEU D 14 -23.62 0.19 -37.29
N VAL D 15 -23.87 0.13 -38.60
CA VAL D 15 -24.73 1.14 -39.20
C VAL D 15 -26.18 0.91 -38.83
N GLU D 16 -26.59 -0.34 -38.53
CA GLU D 16 -27.93 -0.57 -38.02
C GLU D 16 -28.11 0.00 -36.61
N GLN D 17 -27.08 -0.16 -35.76
CA GLN D 17 -27.12 0.43 -34.43
C GLN D 17 -27.15 1.95 -34.50
N LEU D 18 -26.36 2.54 -35.39
CA LEU D 18 -26.38 3.99 -35.56
C LEU D 18 -27.71 4.46 -36.14
N LYS D 19 -28.33 3.65 -37.00
CA LYS D 19 -29.61 4.01 -37.61
C LYS D 19 -30.73 3.99 -36.59
N MET D 20 -30.73 3.01 -35.68
CA MET D 20 -31.75 3.04 -34.64
C MET D 20 -31.46 4.10 -33.60
N GLU D 21 -30.18 4.40 -33.34
CA GLU D 21 -29.83 5.43 -32.38
C GLU D 21 -30.17 6.82 -32.89
N ALA D 22 -30.13 7.01 -34.21
CA ALA D 22 -30.55 8.29 -34.79
C ALA D 22 -32.06 8.49 -34.68
N ASN D 23 -32.84 7.42 -34.84
CA ASN D 23 -34.30 7.51 -34.81
C ASN D 23 -34.79 7.37 -33.38
N ILE D 24 -34.43 8.36 -32.56
CA ILE D 24 -34.81 8.42 -31.15
C ILE D 24 -35.40 9.79 -30.88
N ASP D 25 -36.60 9.83 -30.31
CA ASP D 25 -37.25 11.09 -29.98
C ASP D 25 -36.52 11.74 -28.81
N ARG D 26 -36.13 13.00 -28.98
CA ARG D 26 -35.34 13.73 -28.00
C ARG D 26 -36.11 14.95 -27.53
N ILE D 27 -36.23 15.10 -26.22
CA ILE D 27 -36.78 16.32 -25.64
C ILE D 27 -35.66 17.34 -25.51
N LYS D 28 -36.04 18.60 -25.40
CA LYS D 28 -35.07 19.69 -25.33
C LYS D 28 -34.27 19.62 -24.04
N VAL D 29 -33.01 20.07 -24.10
CA VAL D 29 -32.15 20.03 -22.93
C VAL D 29 -32.61 21.00 -21.84
N SER D 30 -33.37 22.04 -22.21
CA SER D 30 -33.99 22.89 -21.22
C SER D 30 -35.06 22.14 -20.43
N LYS D 31 -35.85 21.31 -21.13
CA LYS D 31 -36.88 20.52 -20.46
C LYS D 31 -36.27 19.47 -19.53
N ALA D 32 -35.22 18.79 -19.99
CA ALA D 32 -34.53 17.82 -19.14
C ALA D 32 -33.85 18.49 -17.96
N ALA D 33 -33.26 19.66 -18.18
CA ALA D 33 -32.65 20.41 -17.09
C ALA D 33 -33.69 20.83 -16.06
N ALA D 34 -34.85 21.28 -16.52
CA ALA D 34 -35.93 21.64 -15.60
C ALA D 34 -36.47 20.42 -14.85
N ASP D 35 -36.50 19.26 -15.52
CA ASP D 35 -36.94 18.04 -14.85
C ASP D 35 -35.98 17.61 -13.74
N LEU D 36 -34.67 17.65 -14.02
CA LEU D 36 -33.68 17.34 -12.99
C LEU D 36 -33.70 18.36 -11.86
N MET D 37 -33.88 19.64 -12.19
CA MET D 37 -33.96 20.67 -11.16
C MET D 37 -35.20 20.49 -10.29
N ALA D 38 -36.33 20.14 -10.90
CA ALA D 38 -37.55 19.90 -10.14
C ALA D 38 -37.43 18.67 -9.25
N TYR D 39 -36.77 17.62 -9.76
CA TYR D 39 -36.53 16.44 -8.92
C TYR D 39 -35.61 16.77 -7.75
N CYS D 40 -34.59 17.61 -7.98
CA CYS D 40 -33.70 18.00 -6.90
C CYS D 40 -34.43 18.85 -5.86
N GLU D 41 -35.30 19.76 -6.31
CA GLU D 41 -36.01 20.62 -5.36
C GLU D 41 -37.11 19.86 -4.62
N ALA D 42 -37.71 18.86 -5.25
CA ALA D 42 -38.79 18.12 -4.60
C ALA D 42 -38.28 17.20 -3.50
N HIS D 43 -37.06 16.70 -3.62
CA HIS D 43 -36.48 15.77 -2.66
C HIS D 43 -35.35 16.40 -1.85
N ALA D 44 -35.25 17.72 -1.84
CA ALA D 44 -34.14 18.38 -1.17
C ALA D 44 -34.23 18.24 0.34
N LYS D 45 -35.45 18.27 0.89
CA LYS D 45 -35.62 18.17 2.33
C LYS D 45 -35.36 16.76 2.84
N GLU D 46 -35.61 15.74 2.00
CA GLU D 46 -35.39 14.35 2.36
C GLU D 46 -34.00 13.85 1.97
N ASP D 47 -33.04 14.77 1.80
CA ASP D 47 -31.67 14.40 1.51
C ASP D 47 -30.83 14.64 2.75
N PRO D 48 -30.43 13.60 3.48
CA PRO D 48 -29.63 13.83 4.70
C PRO D 48 -28.22 14.32 4.41
N LEU D 49 -27.65 14.00 3.26
CA LEU D 49 -26.31 14.50 2.94
C LEU D 49 -26.37 15.98 2.55
N LEU D 50 -27.36 16.36 1.73
CA LEU D 50 -27.51 17.75 1.35
C LEU D 50 -28.01 18.59 2.52
N THR D 51 -29.04 18.11 3.21
CA THR D 51 -29.59 18.79 4.39
C THR D 51 -29.33 17.91 5.61
N PRO D 52 -28.33 18.22 6.43
CA PRO D 52 -28.00 17.33 7.55
C PRO D 52 -29.10 17.26 8.60
N VAL D 53 -29.37 16.03 9.04
CA VAL D 53 -30.37 15.76 10.07
C VAL D 53 -29.75 16.02 11.43
N PRO D 54 -30.54 16.25 12.48
CA PRO D 54 -29.96 16.37 13.83
C PRO D 54 -29.38 15.05 14.31
N ALA D 55 -28.52 15.16 15.32
CA ALA D 55 -27.80 13.99 15.84
C ALA D 55 -28.73 12.96 16.48
N SER D 56 -29.93 13.37 16.90
CA SER D 56 -30.90 12.40 17.39
C SER D 56 -31.43 11.52 16.26
N GLU D 57 -31.53 12.07 15.05
CA GLU D 57 -32.00 11.33 13.89
C GLU D 57 -30.86 10.72 13.08
N ASN D 58 -29.62 10.86 13.53
CA ASN D 58 -28.48 10.36 12.78
C ASN D 58 -28.06 9.00 13.34
N PRO D 59 -28.20 7.91 12.57
CA PRO D 59 -27.83 6.59 13.09
C PRO D 59 -26.33 6.40 13.26
N PHE D 60 -25.50 7.23 12.65
CA PHE D 60 -24.05 7.13 12.78
C PHE D 60 -23.49 8.17 13.75
N ARG D 61 -24.25 8.51 14.78
CA ARG D 61 -23.87 9.55 15.74
C ARG D 61 -22.65 9.14 16.56
C02 A1D71 E . 27.21 7.77 36.38
C04 A1D71 E . 28.29 8.57 37.11
C05 A1D71 E . 28.49 8.38 38.47
C06 A1D71 E . 29.46 9.10 39.13
C08 A1D71 E . 30.23 10.03 38.44
C09 A1D71 E . 30.02 10.22 37.08
C11 A1D71 E . 29.05 9.48 36.42
O01 A1D71 E . 26.62 6.84 36.99
O03 A1D71 E . 26.94 8.04 35.20
O07 A1D71 E . 29.66 8.91 40.50
CL10 A1D71 E . 31.01 11.40 36.18
#